data_4XYE
#
_entry.id   4XYE
#
_cell.length_a   59.050
_cell.length_b   113.847
_cell.length_c   115.319
_cell.angle_alpha   90.00
_cell.angle_beta   90.00
_cell.angle_gamma   90.00
#
_symmetry.space_group_name_H-M   'P 21 21 21'
#
loop_
_entity.id
_entity.type
_entity.pdbx_description
1 polymer 'Formate dehydrogenase'
2 non-polymer NICOTINAMIDE-ADENINE-DINUCLEOTIDE
3 water water
#
_entity_poly.entity_id   1
_entity_poly.type   'polypeptide(L)'
_entity_poly.pdbx_seq_one_letter_code
;MAKVLCVLYDDPTSGYPPLYARNAIPKIERYPDGQTVPNPKHIDFVPGELLGCVSGELGLRSYLEDLGHTFIVTSDKEGP
NSVFEKELPDADIVISQPFWPAYLTAERIAKAKKLKLALTAGIGSDHVDLNAAIKAGITVAEETFSNGICVAEHAVMMIL
ALVRNYLPSHKIAEEGGWNIADCVSRSYDLEGMHVGTVAAGRIGLAVLRRLKPFDVKLHYTARHRSPRAIEDELGLTYHA
TAEEMAEVCDVISIHAPLYPATEHLFNAKVLNKMRHGSYLVNTARAEICDRDDIVRALESGQLAGYAGDVWFPQPAPANH
PWRNMPHNGMTPHMSGSSLSGQARYAAGTREILECWFENRPIRDEYLIVSNGKLAGTGAKSYGVGEAPKGK
;
_entity_poly.pdbx_strand_id   A,B
#
loop_
_chem_comp.id
_chem_comp.type
_chem_comp.name
_chem_comp.formula
NAD non-polymer NICOTINAMIDE-ADENINE-DINUCLEOTIDE 'C21 H27 N7 O14 P2'
#
# COMPACT_ATOMS: atom_id res chain seq x y z
N ALA A 2 -41.47 -13.99 9.54
CA ALA A 2 -40.30 -14.87 9.47
C ALA A 2 -39.31 -14.56 10.59
N LYS A 3 -38.43 -15.52 10.86
CA LYS A 3 -37.37 -15.38 11.85
C LYS A 3 -36.05 -15.19 11.11
N VAL A 4 -35.40 -14.06 11.34
CA VAL A 4 -34.11 -13.77 10.70
C VAL A 4 -33.00 -13.91 11.74
N LEU A 5 -32.06 -14.81 11.50
CA LEU A 5 -30.99 -15.08 12.46
C LEU A 5 -29.70 -14.49 11.88
N CYS A 6 -29.10 -13.54 12.59
CA CYS A 6 -28.03 -12.74 12.02
C CYS A 6 -26.79 -12.76 12.91
N VAL A 7 -25.69 -13.26 12.36
CA VAL A 7 -24.46 -13.34 13.15
C VAL A 7 -23.49 -12.23 12.73
N LEU A 8 -23.06 -11.41 13.68
CA LEU A 8 -22.16 -10.28 13.40
C LEU A 8 -21.00 -10.34 14.37
N TYR A 9 -19.90 -9.66 14.08
CA TYR A 9 -18.78 -9.62 15.03
C TYR A 9 -19.05 -8.69 16.22
N ASP A 10 -18.25 -8.79 17.28
CA ASP A 10 -18.49 -7.99 18.48
C ASP A 10 -18.23 -6.50 18.26
N ASP A 11 -18.85 -5.69 19.11
CA ASP A 11 -18.63 -4.25 19.13
C ASP A 11 -17.17 -3.90 19.38
N PRO A 12 -16.75 -2.68 19.02
CA PRO A 12 -15.38 -2.25 19.33
C PRO A 12 -15.09 -2.32 20.82
N THR A 13 -13.82 -2.57 21.14
CA THR A 13 -13.37 -2.63 22.52
C THR A 13 -13.70 -1.33 23.29
N SER A 14 -13.57 -0.20 22.61
N SER A 14 -13.58 -0.19 22.62
CA SER A 14 -13.82 1.10 23.21
CA SER A 14 -13.82 1.09 23.26
C SER A 14 -15.29 1.40 23.45
C SER A 14 -15.30 1.40 23.45
N GLY A 15 -16.16 0.59 22.84
CA GLY A 15 -17.60 0.82 22.93
C GLY A 15 -18.25 1.15 21.60
N TYR A 16 -19.58 1.15 21.59
CA TYR A 16 -20.36 1.48 20.41
C TYR A 16 -21.26 2.67 20.71
N PRO A 17 -21.31 3.65 19.79
CA PRO A 17 -20.57 3.70 18.52
C PRO A 17 -19.13 4.08 18.74
N PRO A 18 -18.26 3.80 17.75
CA PRO A 18 -16.89 4.28 17.85
C PRO A 18 -16.83 5.77 17.58
N LEU A 19 -15.70 6.37 17.92
CA LEU A 19 -15.43 7.75 17.58
C LEU A 19 -14.93 7.79 16.13
N TYR A 20 -15.78 8.23 15.22
CA TYR A 20 -15.43 8.23 13.80
C TYR A 20 -14.41 9.32 13.47
N ALA A 21 -13.45 8.97 12.62
CA ALA A 21 -12.40 9.90 12.22
C ALA A 21 -12.91 10.99 11.28
N ARG A 22 -13.97 10.68 10.53
CA ARG A 22 -14.55 11.63 9.57
C ARG A 22 -16.06 11.49 9.56
N ASN A 23 -16.75 12.51 9.05
CA ASN A 23 -18.21 12.52 9.17
CA ASN A 23 -18.21 12.59 9.15
C ASN A 23 -18.96 12.10 7.89
N ALA A 24 -18.22 11.86 6.82
CA ALA A 24 -18.83 11.42 5.57
C ALA A 24 -17.87 10.57 4.76
N ILE A 25 -18.41 9.78 3.84
CA ILE A 25 -17.61 9.00 2.89
C ILE A 25 -18.07 9.29 1.46
N PRO A 26 -17.23 8.97 0.47
CA PRO A 26 -17.58 9.26 -0.94
C PRO A 26 -18.87 8.56 -1.37
N LYS A 27 -19.54 9.15 -2.35
CA LYS A 27 -20.74 8.57 -2.91
C LYS A 27 -20.35 7.71 -4.11
N ILE A 28 -20.67 6.42 -4.04
CA ILE A 28 -20.36 5.49 -5.12
C ILE A 28 -21.69 5.10 -5.74
N GLU A 29 -21.80 5.20 -7.06
CA GLU A 29 -23.08 4.92 -7.74
C GLU A 29 -23.04 3.66 -8.58
N ARG A 30 -21.88 3.38 -9.16
CA ARG A 30 -21.73 2.23 -10.05
CA ARG A 30 -21.73 2.23 -10.03
C ARG A 30 -20.39 1.58 -9.87
N TYR A 31 -20.35 0.27 -10.12
CA TYR A 31 -19.11 -0.49 -10.10
C TYR A 31 -18.47 -0.38 -11.49
N PRO A 32 -17.18 -0.74 -11.59
CA PRO A 32 -16.47 -0.51 -12.87
C PRO A 32 -17.06 -1.21 -14.10
N ASP A 33 -17.77 -2.31 -13.90
CA ASP A 33 -18.34 -3.05 -15.02
C ASP A 33 -19.73 -2.56 -15.46
N GLY A 34 -20.27 -1.59 -14.72
CA GLY A 34 -21.57 -1.03 -15.05
C GLY A 34 -22.67 -1.41 -14.07
N GLN A 35 -22.41 -2.41 -13.23
CA GLN A 35 -23.39 -2.82 -12.23
C GLN A 35 -23.70 -1.67 -11.27
N THR A 36 -24.97 -1.46 -10.96
CA THR A 36 -25.33 -0.40 -10.03
C THR A 36 -25.16 -0.89 -8.59
N VAL A 37 -24.80 0.04 -7.70
CA VAL A 37 -24.74 -0.22 -6.28
C VAL A 37 -26.16 -0.59 -5.80
N PRO A 38 -26.29 -1.19 -4.61
CA PRO A 38 -27.61 -1.62 -4.15
C PRO A 38 -28.67 -0.52 -4.18
N ASN A 39 -29.90 -0.95 -4.43
CA ASN A 39 -31.02 -0.02 -4.52
C ASN A 39 -32.20 -0.40 -3.61
N PRO A 40 -31.94 -0.52 -2.29
CA PRO A 40 -33.08 -0.73 -1.39
C PRO A 40 -33.99 0.50 -1.39
N LYS A 41 -35.25 0.32 -1.01
CA LYS A 41 -36.19 1.45 -0.94
CA LYS A 41 -36.16 1.46 -0.98
C LYS A 41 -35.67 2.55 -0.01
N HIS A 42 -35.14 2.15 1.14
CA HIS A 42 -34.58 3.08 2.12
C HIS A 42 -33.40 2.40 2.80
N ILE A 43 -32.55 3.20 3.43
CA ILE A 43 -31.57 2.66 4.38
C ILE A 43 -31.76 3.38 5.71
N ASP A 44 -31.55 2.66 6.82
CA ASP A 44 -31.72 3.25 8.13
CA ASP A 44 -31.73 3.22 8.15
C ASP A 44 -30.37 3.47 8.81
N PHE A 45 -29.43 4.00 8.05
CA PHE A 45 -28.12 4.34 8.58
C PHE A 45 -27.54 5.47 7.75
N VAL A 46 -26.48 6.10 8.26
CA VAL A 46 -25.73 7.07 7.48
C VAL A 46 -24.48 6.36 6.94
N PRO A 47 -24.25 6.38 5.60
CA PRO A 47 -23.05 5.70 5.09
C PRO A 47 -21.82 6.21 5.82
N GLY A 48 -20.98 5.29 6.29
CA GLY A 48 -19.83 5.67 7.09
C GLY A 48 -19.95 5.13 8.50
N GLU A 49 -21.16 4.80 8.92
CA GLU A 49 -21.35 4.23 10.26
C GLU A 49 -20.89 2.77 10.34
N LEU A 50 -20.54 2.33 11.55
CA LEU A 50 -20.15 0.94 11.75
C LEU A 50 -21.40 0.09 11.86
N LEU A 51 -21.56 -0.84 10.92
CA LEU A 51 -22.82 -1.58 10.77
C LEU A 51 -22.64 -3.07 11.00
N GLY A 52 -21.39 -3.54 10.90
CA GLY A 52 -21.16 -4.97 10.87
C GLY A 52 -20.97 -5.64 12.21
N CYS A 53 -21.08 -4.88 13.29
CA CYS A 53 -20.97 -5.45 14.63
C CYS A 53 -22.33 -5.60 15.29
N VAL A 54 -22.37 -6.28 16.43
CA VAL A 54 -23.62 -6.66 17.10
C VAL A 54 -24.57 -5.47 17.26
N SER A 55 -24.06 -4.36 17.77
CA SER A 55 -24.91 -3.17 17.97
C SER A 55 -25.28 -2.46 16.68
N GLY A 56 -24.50 -2.68 15.61
CA GLY A 56 -24.76 -2.03 14.34
C GLY A 56 -25.91 -2.67 13.59
N GLU A 57 -26.02 -3.99 13.70
CA GLU A 57 -27.17 -4.74 13.21
C GLU A 57 -27.43 -4.66 11.71
N LEU A 58 -26.41 -4.28 10.93
CA LEU A 58 -26.58 -4.01 9.50
C LEU A 58 -27.71 -3.01 9.19
N GLY A 59 -28.13 -2.25 10.19
CA GLY A 59 -29.17 -1.25 10.02
C GLY A 59 -30.53 -1.84 9.69
N LEU A 60 -30.77 -3.09 10.10
CA LEU A 60 -31.96 -3.84 9.66
C LEU A 60 -33.14 -3.91 10.62
N ARG A 61 -32.95 -3.56 11.89
CA ARG A 61 -33.96 -3.91 12.90
C ARG A 61 -35.34 -3.30 12.67
N SER A 62 -35.40 -1.97 12.54
CA SER A 62 -36.67 -1.27 12.31
CA SER A 62 -36.67 -1.27 12.31
C SER A 62 -37.37 -1.81 11.08
N TYR A 63 -36.60 -1.98 10.00
CA TYR A 63 -37.17 -2.53 8.77
C TYR A 63 -37.84 -3.90 8.97
N LEU A 64 -37.16 -4.82 9.66
CA LEU A 64 -37.68 -6.16 9.84
C LEU A 64 -38.85 -6.21 10.84
N GLU A 65 -38.67 -5.56 11.97
CA GLU A 65 -39.69 -5.63 13.01
C GLU A 65 -40.99 -4.91 12.62
N ASP A 66 -40.88 -3.85 11.83
CA ASP A 66 -42.07 -3.13 11.34
C ASP A 66 -42.94 -4.01 10.45
N LEU A 67 -42.30 -4.97 9.79
CA LEU A 67 -43.03 -5.93 8.96
C LEU A 67 -43.53 -7.12 9.74
N GLY A 68 -43.19 -7.16 11.02
CA GLY A 68 -43.62 -8.25 11.88
C GLY A 68 -42.66 -9.41 11.96
N HIS A 69 -41.47 -9.28 11.39
CA HIS A 69 -40.47 -10.34 11.48
C HIS A 69 -39.68 -10.23 12.78
N THR A 70 -39.10 -11.34 13.21
CA THR A 70 -38.22 -11.32 14.36
C THR A 70 -36.78 -11.31 13.86
N PHE A 71 -35.93 -10.58 14.57
CA PHE A 71 -34.56 -10.34 14.12
C PHE A 71 -33.66 -10.61 15.32
N ILE A 72 -32.90 -11.70 15.25
CA ILE A 72 -32.02 -12.11 16.34
C ILE A 72 -30.56 -11.90 15.96
N VAL A 73 -29.86 -11.07 16.70
CA VAL A 73 -28.46 -10.76 16.39
C VAL A 73 -27.50 -11.29 17.46
N THR A 74 -26.47 -12.00 17.04
CA THR A 74 -25.51 -12.55 18.02
C THR A 74 -24.12 -12.65 17.40
N SER A 75 -23.09 -12.67 18.24
CA SER A 75 -21.74 -12.95 17.76
C SER A 75 -21.35 -14.39 18.09
N ASP A 76 -22.20 -15.05 18.87
CA ASP A 76 -21.87 -16.36 19.45
C ASP A 76 -22.19 -17.49 18.48
N LYS A 77 -21.17 -18.05 17.85
CA LYS A 77 -21.40 -18.86 16.66
C LYS A 77 -20.71 -20.22 16.65
N GLU A 78 -19.90 -20.52 17.67
CA GLU A 78 -19.11 -21.74 17.65
CA GLU A 78 -19.10 -21.75 17.66
C GLU A 78 -19.74 -22.89 18.43
N GLY A 79 -19.90 -24.03 17.75
CA GLY A 79 -20.38 -25.25 18.39
C GLY A 79 -21.88 -25.39 18.60
N PRO A 80 -22.31 -26.58 19.01
CA PRO A 80 -23.72 -26.90 19.23
C PRO A 80 -24.38 -26.12 20.36
N ASN A 81 -23.60 -25.50 21.23
CA ASN A 81 -24.17 -24.74 22.34
C ASN A 81 -24.14 -23.22 22.17
N SER A 82 -23.73 -22.77 20.98
CA SER A 82 -23.73 -21.34 20.65
C SER A 82 -25.16 -20.84 20.48
N VAL A 83 -25.37 -19.55 20.71
CA VAL A 83 -26.67 -18.94 20.38
C VAL A 83 -27.06 -19.26 18.94
N PHE A 84 -26.12 -19.11 18.01
CA PHE A 84 -26.39 -19.43 16.61
C PHE A 84 -27.00 -20.81 16.40
N GLU A 85 -26.33 -21.86 16.88
CA GLU A 85 -26.82 -23.21 16.63
C GLU A 85 -28.12 -23.49 17.37
N LYS A 86 -28.29 -22.89 18.54
CA LYS A 86 -29.51 -23.09 19.30
C LYS A 86 -30.72 -22.44 18.61
N GLU A 87 -30.48 -21.33 17.91
CA GLU A 87 -31.57 -20.58 17.28
C GLU A 87 -31.78 -21.04 15.84
N LEU A 88 -30.80 -21.76 15.30
CA LEU A 88 -30.85 -22.23 13.91
C LEU A 88 -32.11 -23.02 13.51
N PRO A 89 -32.53 -24.01 14.33
CA PRO A 89 -33.57 -24.94 13.87
C PRO A 89 -34.87 -24.33 13.33
N ASP A 90 -35.25 -23.15 13.78
CA ASP A 90 -36.45 -22.51 13.23
C ASP A 90 -36.22 -21.14 12.54
N ALA A 91 -34.98 -20.89 12.10
CA ALA A 91 -34.69 -19.65 11.39
C ALA A 91 -35.06 -19.79 9.91
N ASP A 92 -35.87 -18.87 9.41
CA ASP A 92 -36.22 -18.87 7.98
C ASP A 92 -35.07 -18.35 7.13
N ILE A 93 -34.35 -17.38 7.68
CA ILE A 93 -33.27 -16.70 6.97
C ILE A 93 -32.07 -16.61 7.91
N VAL A 94 -30.89 -16.89 7.38
CA VAL A 94 -29.66 -16.74 8.14
C VAL A 94 -28.74 -15.77 7.41
N ILE A 95 -28.20 -14.79 8.15
CA ILE A 95 -27.28 -13.80 7.59
C ILE A 95 -25.97 -13.81 8.38
N SER A 96 -24.83 -13.82 7.69
CA SER A 96 -23.56 -13.57 8.37
C SER A 96 -22.56 -13.01 7.38
N GLN A 97 -21.45 -12.48 7.90
CA GLN A 97 -20.39 -11.88 7.09
C GLN A 97 -19.20 -12.85 7.00
N PRO A 98 -18.47 -12.80 5.88
CA PRO A 98 -17.28 -13.66 5.76
C PRO A 98 -16.25 -13.38 6.87
N PHE A 99 -16.25 -12.17 7.42
CA PHE A 99 -15.23 -11.76 8.41
C PHE A 99 -15.46 -12.41 9.76
N TRP A 100 -16.68 -12.88 9.98
CA TRP A 100 -17.08 -13.55 11.21
C TRP A 100 -18.21 -14.51 10.84
N PRO A 101 -17.85 -15.61 10.15
CA PRO A 101 -18.83 -16.40 9.40
C PRO A 101 -19.55 -17.45 10.24
N ALA A 102 -20.87 -17.53 10.08
CA ALA A 102 -21.65 -18.59 10.69
C ALA A 102 -21.64 -19.75 9.71
N TYR A 103 -20.74 -20.70 9.92
CA TYR A 103 -20.58 -21.81 8.99
C TYR A 103 -21.84 -22.63 8.89
N LEU A 104 -22.33 -22.81 7.66
CA LEU A 104 -23.45 -23.72 7.43
C LEU A 104 -22.95 -25.02 6.81
N THR A 105 -22.45 -25.88 7.69
CA THR A 105 -22.01 -27.22 7.34
C THR A 105 -23.23 -28.06 6.99
N ALA A 106 -23.01 -29.22 6.37
CA ALA A 106 -24.11 -30.11 6.01
C ALA A 106 -24.92 -30.51 7.25
N GLU A 107 -24.21 -30.74 8.35
CA GLU A 107 -24.85 -31.11 9.60
C GLU A 107 -25.75 -29.99 10.11
N ARG A 108 -25.27 -28.76 10.02
CA ARG A 108 -26.08 -27.62 10.45
C ARG A 108 -27.27 -27.36 9.53
N ILE A 109 -27.06 -27.54 8.23
CA ILE A 109 -28.15 -27.38 7.28
C ILE A 109 -29.27 -28.41 7.53
N ALA A 110 -28.88 -29.63 7.90
CA ALA A 110 -29.88 -30.66 8.22
C ALA A 110 -30.71 -30.27 9.44
N LYS A 111 -30.07 -29.66 10.43
CA LYS A 111 -30.77 -29.15 11.63
C LYS A 111 -31.65 -27.93 11.33
N ALA A 112 -31.35 -27.21 10.26
CA ALA A 112 -32.05 -25.98 9.95
C ALA A 112 -33.36 -26.25 9.20
N LYS A 113 -34.37 -26.68 9.96
CA LYS A 113 -35.62 -27.18 9.37
C LYS A 113 -36.45 -26.12 8.65
N LYS A 114 -36.22 -24.84 8.98
CA LYS A 114 -37.00 -23.75 8.40
C LYS A 114 -36.20 -22.92 7.39
N LEU A 115 -34.94 -23.27 7.21
CA LEU A 115 -34.03 -22.41 6.46
C LEU A 115 -34.35 -22.38 4.96
N LYS A 116 -34.57 -21.18 4.42
CA LYS A 116 -34.89 -21.04 3.00
C LYS A 116 -33.93 -20.08 2.28
N LEU A 117 -33.35 -19.15 3.04
CA LEU A 117 -32.43 -18.17 2.44
C LEU A 117 -31.20 -18.03 3.30
N ALA A 118 -30.03 -18.33 2.73
CA ALA A 118 -28.77 -18.09 3.41
C ALA A 118 -28.10 -16.90 2.74
N LEU A 119 -28.07 -15.79 3.45
CA LEU A 119 -27.67 -14.53 2.87
C LEU A 119 -26.32 -14.08 3.43
N THR A 120 -25.31 -13.96 2.55
CA THR A 120 -24.00 -13.48 2.93
C THR A 120 -24.01 -11.96 2.94
N ALA A 121 -23.54 -11.36 4.02
CA ALA A 121 -23.38 -9.93 4.08
C ALA A 121 -21.95 -9.64 3.69
N GLY A 122 -21.75 -9.34 2.41
CA GLY A 122 -20.41 -9.23 1.85
C GLY A 122 -20.30 -10.09 0.60
N ILE A 123 -19.08 -10.53 0.28
CA ILE A 123 -18.81 -11.36 -0.88
C ILE A 123 -18.10 -12.67 -0.47
N GLY A 124 -18.54 -13.78 -1.06
CA GLY A 124 -17.94 -15.08 -0.81
C GLY A 124 -18.81 -15.91 0.12
N SER A 125 -19.42 -16.97 -0.43
CA SER A 125 -20.38 -17.77 0.34
C SER A 125 -19.85 -19.18 0.64
N ASP A 126 -18.54 -19.34 0.62
CA ASP A 126 -17.93 -20.65 0.79
C ASP A 126 -18.04 -21.17 2.22
N HIS A 127 -18.52 -20.34 3.15
CA HIS A 127 -18.73 -20.78 4.53
C HIS A 127 -20.04 -21.56 4.60
N VAL A 128 -20.76 -21.60 3.48
CA VAL A 128 -21.93 -22.43 3.30
C VAL A 128 -21.55 -23.66 2.47
N ASP A 129 -21.94 -24.85 2.93
CA ASP A 129 -21.76 -26.05 2.12
C ASP A 129 -22.76 -25.98 0.96
N LEU A 130 -22.26 -25.62 -0.23
CA LEU A 130 -23.15 -25.38 -1.37
C LEU A 130 -23.83 -26.66 -1.88
N ASN A 131 -23.14 -27.79 -1.79
CA ASN A 131 -23.78 -29.05 -2.13
C ASN A 131 -24.98 -29.36 -1.25
N ALA A 132 -24.83 -29.10 0.05
CA ALA A 132 -25.94 -29.32 0.98
C ALA A 132 -27.09 -28.32 0.76
N ALA A 133 -26.75 -27.09 0.40
CA ALA A 133 -27.75 -26.05 0.14
C ALA A 133 -28.53 -26.40 -1.12
N ILE A 134 -27.82 -26.88 -2.12
CA ILE A 134 -28.44 -27.36 -3.35
C ILE A 134 -29.46 -28.45 -3.03
N LYS A 135 -29.03 -29.46 -2.28
CA LYS A 135 -29.89 -30.59 -1.95
C LYS A 135 -31.07 -30.16 -1.09
N ALA A 136 -30.84 -29.21 -0.19
CA ALA A 136 -31.90 -28.78 0.73
C ALA A 136 -32.86 -27.77 0.10
N GLY A 137 -32.52 -27.28 -1.09
CA GLY A 137 -33.38 -26.35 -1.78
C GLY A 137 -33.31 -24.94 -1.22
N ILE A 138 -32.18 -24.63 -0.61
CA ILE A 138 -31.95 -23.32 0.00
C ILE A 138 -31.40 -22.34 -1.04
N THR A 139 -31.89 -21.11 -1.01
CA THR A 139 -31.32 -20.05 -1.82
C THR A 139 -30.10 -19.48 -1.10
N VAL A 140 -28.99 -19.32 -1.82
CA VAL A 140 -27.77 -18.73 -1.30
C VAL A 140 -27.45 -17.49 -2.12
N ALA A 141 -27.29 -16.35 -1.46
CA ALA A 141 -27.03 -15.11 -2.18
C ALA A 141 -26.03 -14.23 -1.42
N GLU A 142 -25.45 -13.28 -2.14
CA GLU A 142 -24.49 -12.34 -1.56
C GLU A 142 -24.51 -11.04 -2.37
N GLU A 143 -23.92 -9.98 -1.83
CA GLU A 143 -23.96 -8.70 -2.53
C GLU A 143 -22.74 -8.55 -3.42
N THR A 144 -22.81 -9.21 -4.56
CA THR A 144 -21.80 -9.13 -5.60
C THR A 144 -21.25 -7.71 -5.82
N PHE A 145 -19.92 -7.60 -5.84
CA PHE A 145 -19.18 -6.34 -6.03
C PHE A 145 -19.26 -5.35 -4.87
N SER A 146 -20.10 -5.61 -3.85
CA SER A 146 -20.30 -4.66 -2.77
C SER A 146 -19.01 -4.19 -2.10
N ASN A 147 -18.06 -5.11 -1.94
CA ASN A 147 -16.83 -4.73 -1.27
C ASN A 147 -15.59 -5.20 -2.02
N GLY A 148 -15.78 -5.46 -3.32
CA GLY A 148 -14.71 -5.90 -4.21
C GLY A 148 -13.59 -4.89 -4.40
N ILE A 149 -13.93 -3.62 -4.53
CA ILE A 149 -12.91 -2.60 -4.68
C ILE A 149 -12.12 -2.46 -3.36
N CYS A 150 -12.80 -2.68 -2.23
CA CYS A 150 -12.11 -2.68 -0.93
C CYS A 150 -11.01 -3.72 -0.92
N VAL A 151 -11.33 -4.92 -1.40
CA VAL A 151 -10.36 -6.01 -1.41
C VAL A 151 -9.23 -5.68 -2.37
N ALA A 152 -9.58 -5.13 -3.53
CA ALA A 152 -8.56 -4.80 -4.53
C ALA A 152 -7.54 -3.80 -3.99
N GLU A 153 -8.01 -2.77 -3.28
CA GLU A 153 -7.08 -1.83 -2.63
C GLU A 153 -6.20 -2.51 -1.60
N HIS A 154 -6.78 -3.40 -0.79
CA HIS A 154 -6.07 -4.07 0.31
C HIS A 154 -4.97 -4.94 -0.28
N ALA A 155 -5.30 -5.63 -1.38
CA ALA A 155 -4.34 -6.49 -2.07
C ALA A 155 -3.16 -5.69 -2.62
N VAL A 156 -3.44 -4.62 -3.35
CA VAL A 156 -2.34 -3.80 -3.90
C VAL A 156 -1.48 -3.19 -2.78
N MET A 157 -2.13 -2.74 -1.72
CA MET A 157 -1.41 -2.27 -0.53
C MET A 157 -0.46 -3.33 0.03
N MET A 158 -0.94 -4.57 0.15
CA MET A 158 -0.12 -5.67 0.68
C MET A 158 1.04 -6.04 -0.26
N ILE A 159 0.76 -6.04 -1.57
CA ILE A 159 1.83 -6.27 -2.52
C ILE A 159 2.97 -5.27 -2.30
N LEU A 160 2.63 -4.00 -2.25
CA LEU A 160 3.61 -2.95 -2.00
C LEU A 160 4.33 -3.12 -0.66
N ALA A 161 3.57 -3.36 0.41
CA ALA A 161 4.19 -3.47 1.74
C ALA A 161 5.20 -4.63 1.83
N LEU A 162 4.88 -5.76 1.21
CA LEU A 162 5.80 -6.90 1.19
C LEU A 162 7.07 -6.60 0.39
N VAL A 163 6.88 -6.14 -0.83
CA VAL A 163 8.02 -5.94 -1.73
C VAL A 163 8.95 -4.86 -1.19
N ARG A 164 8.39 -3.80 -0.63
CA ARG A 164 9.18 -2.68 -0.14
C ARG A 164 9.70 -2.85 1.30
N ASN A 165 9.26 -3.93 1.97
CA ASN A 165 9.64 -4.20 3.37
C ASN A 165 9.11 -3.13 4.34
N TYR A 166 7.86 -2.75 4.15
CA TYR A 166 7.25 -1.69 4.97
C TYR A 166 7.12 -2.05 6.44
N LEU A 167 6.55 -3.23 6.74
CA LEU A 167 6.14 -3.50 8.12
C LEU A 167 7.27 -3.57 9.17
N PRO A 168 8.36 -4.27 8.85
CA PRO A 168 9.46 -4.24 9.82
C PRO A 168 10.12 -2.86 9.94
N SER A 169 10.09 -2.08 8.86
CA SER A 169 10.68 -0.75 8.86
C SER A 169 9.86 0.23 9.70
N HIS A 170 8.54 0.09 9.66
CA HIS A 170 7.71 0.90 10.55
C HIS A 170 7.98 0.58 12.02
N LYS A 171 8.19 -0.69 12.33
CA LYS A 171 8.50 -1.12 13.70
C LYS A 171 9.79 -0.46 14.20
N ILE A 172 10.78 -0.40 13.32
CA ILE A 172 12.03 0.29 13.62
C ILE A 172 11.82 1.78 13.91
N ALA A 173 10.96 2.44 13.13
CA ALA A 173 10.65 3.84 13.42
C ALA A 173 10.01 3.96 14.81
N GLU A 174 9.01 3.13 15.07
CA GLU A 174 8.32 3.15 16.37
C GLU A 174 9.28 2.88 17.53
N GLU A 175 10.26 2.00 17.33
CA GLU A 175 11.14 1.55 18.40
C GLU A 175 12.32 2.48 18.66
N GLY A 176 12.48 3.50 17.84
CA GLY A 176 13.55 4.46 18.09
C GLY A 176 14.80 4.24 17.24
N GLY A 177 14.73 3.31 16.29
CA GLY A 177 15.86 3.03 15.43
C GLY A 177 15.92 3.91 14.19
N TRP A 178 16.89 3.62 13.33
CA TRP A 178 17.03 4.25 12.04
C TRP A 178 17.43 3.12 11.10
N ASN A 179 18.68 2.69 11.20
CA ASN A 179 19.05 1.37 10.66
C ASN A 179 18.65 1.17 9.22
N ILE A 180 19.03 2.11 8.35
CA ILE A 180 18.62 2.05 6.95
C ILE A 180 19.00 0.73 6.30
N ALA A 181 20.23 0.28 6.54
CA ALA A 181 20.66 -1.00 5.99
C ALA A 181 19.74 -2.17 6.38
N ASP A 182 19.29 -2.21 7.62
CA ASP A 182 18.36 -3.26 8.02
C ASP A 182 17.01 -3.12 7.33
N CYS A 183 16.55 -1.88 7.18
CA CYS A 183 15.29 -1.61 6.46
C CYS A 183 15.34 -2.04 5.01
N VAL A 184 16.44 -1.73 4.34
CA VAL A 184 16.45 -1.90 2.89
C VAL A 184 17.12 -3.18 2.36
N SER A 185 17.68 -3.98 3.26
CA SER A 185 18.36 -5.23 2.87
C SER A 185 17.41 -6.19 2.18
N ARG A 186 16.10 -5.99 2.40
CA ARG A 186 15.07 -6.77 1.71
C ARG A 186 14.03 -5.86 1.05
N SER A 187 14.44 -4.64 0.68
CA SER A 187 13.48 -3.70 0.09
C SER A 187 13.70 -3.56 -1.42
N TYR A 188 12.68 -3.89 -2.20
CA TYR A 188 12.73 -3.77 -3.65
C TYR A 188 11.62 -2.87 -4.16
N ASP A 189 11.76 -2.35 -5.38
CA ASP A 189 10.66 -1.68 -6.08
C ASP A 189 9.79 -2.71 -6.76
N LEU A 190 8.50 -2.39 -6.91
CA LEU A 190 7.61 -3.24 -7.69
C LEU A 190 7.86 -3.06 -9.19
N GLU A 191 8.34 -1.89 -9.57
CA GLU A 191 8.50 -1.53 -10.98
C GLU A 191 9.23 -2.62 -11.76
N GLY A 192 8.64 -3.07 -12.86
CA GLY A 192 9.32 -4.04 -13.72
C GLY A 192 9.20 -5.50 -13.34
N MET A 193 8.63 -5.79 -12.17
N MET A 193 8.62 -5.77 -12.18
CA MET A 193 8.42 -7.17 -11.79
CA MET A 193 8.37 -7.15 -11.76
C MET A 193 7.29 -7.75 -12.62
C MET A 193 7.27 -7.75 -12.62
N HIS A 194 7.23 -9.08 -12.65
CA HIS A 194 6.12 -9.77 -13.30
C HIS A 194 5.12 -10.07 -12.20
N VAL A 195 3.88 -9.61 -12.38
CA VAL A 195 2.86 -9.81 -11.37
C VAL A 195 1.64 -10.48 -12.00
N GLY A 196 1.14 -11.53 -11.35
CA GLY A 196 0.02 -12.27 -11.90
C GLY A 196 -1.13 -12.40 -10.92
N THR A 197 -2.36 -12.38 -11.43
CA THR A 197 -3.53 -12.66 -10.59
C THR A 197 -4.12 -14.03 -10.92
N VAL A 198 -4.54 -14.76 -9.90
CA VAL A 198 -5.32 -15.96 -10.13
C VAL A 198 -6.77 -15.47 -10.24
N ALA A 199 -7.32 -15.59 -11.45
CA ALA A 199 -8.60 -14.97 -11.85
C ALA A 199 -8.49 -13.50 -12.26
N ALA A 200 -9.31 -13.13 -13.23
CA ALA A 200 -9.51 -11.72 -13.58
C ALA A 200 -11.00 -11.40 -13.50
N GLY A 201 -11.62 -11.77 -12.39
CA GLY A 201 -13.02 -11.46 -12.18
C GLY A 201 -13.17 -10.01 -11.73
N ARG A 202 -14.24 -9.72 -10.99
CA ARG A 202 -14.49 -8.35 -10.53
C ARG A 202 -13.31 -7.80 -9.73
N ILE A 203 -12.79 -8.57 -8.79
CA ILE A 203 -11.67 -8.08 -7.97
C ILE A 203 -10.34 -8.22 -8.70
N GLY A 204 -10.14 -9.37 -9.34
CA GLY A 204 -8.92 -9.63 -10.10
C GLY A 204 -8.65 -8.56 -11.14
N LEU A 205 -9.66 -8.17 -11.90
CA LEU A 205 -9.50 -7.11 -12.90
C LEU A 205 -9.24 -5.75 -12.25
N ALA A 206 -9.89 -5.50 -11.10
CA ALA A 206 -9.68 -4.24 -10.38
C ALA A 206 -8.25 -4.10 -9.91
N VAL A 207 -7.67 -5.22 -9.49
CA VAL A 207 -6.26 -5.30 -9.10
C VAL A 207 -5.32 -5.10 -10.31
N LEU A 208 -5.57 -5.83 -11.40
CA LEU A 208 -4.78 -5.65 -12.62
C LEU A 208 -4.76 -4.19 -13.07
N ARG A 209 -5.92 -3.53 -13.05
CA ARG A 209 -5.99 -2.12 -13.44
C ARG A 209 -5.18 -1.22 -12.52
N ARG A 210 -5.23 -1.49 -11.22
CA ARG A 210 -4.46 -0.70 -10.27
C ARG A 210 -2.96 -0.98 -10.38
N LEU A 211 -2.59 -2.21 -10.77
CA LEU A 211 -1.17 -2.53 -10.93
C LEU A 211 -0.53 -1.94 -12.20
N LYS A 212 -1.33 -1.76 -13.25
CA LYS A 212 -0.80 -1.36 -14.56
C LYS A 212 0.15 -0.14 -14.57
N PRO A 213 -0.24 0.98 -13.93
CA PRO A 213 0.65 2.14 -13.97
C PRO A 213 1.89 2.01 -13.08
N PHE A 214 2.05 0.88 -12.40
CA PHE A 214 3.28 0.61 -11.65
C PHE A 214 4.34 0.03 -12.57
N ASP A 215 3.97 -0.12 -13.85
CA ASP A 215 4.89 -0.56 -14.90
C ASP A 215 5.44 -1.94 -14.60
N VAL A 216 4.55 -2.83 -14.20
CA VAL A 216 4.85 -4.23 -14.05
C VAL A 216 4.37 -4.96 -15.31
N LYS A 217 4.85 -6.17 -15.50
CA LYS A 217 4.38 -7.00 -16.60
C LYS A 217 3.31 -7.94 -16.06
N LEU A 218 2.11 -7.85 -16.62
CA LEU A 218 0.94 -8.49 -16.03
C LEU A 218 0.59 -9.86 -16.62
N HIS A 219 0.22 -10.78 -15.72
CA HIS A 219 -0.14 -12.15 -16.08
C HIS A 219 -1.43 -12.52 -15.36
N TYR A 220 -2.12 -13.53 -15.86
CA TYR A 220 -3.28 -14.04 -15.13
C TYR A 220 -3.61 -15.47 -15.54
N THR A 221 -4.37 -16.16 -14.68
CA THR A 221 -4.97 -17.44 -15.03
C THR A 221 -6.46 -17.29 -14.82
N ALA A 222 -7.25 -18.14 -15.47
CA ALA A 222 -8.69 -18.08 -15.30
C ALA A 222 -9.39 -19.37 -15.71
N ARG A 223 -10.55 -19.59 -15.10
CA ARG A 223 -11.49 -20.65 -15.44
C ARG A 223 -11.92 -20.50 -16.88
N HIS A 224 -12.04 -19.24 -17.29
CA HIS A 224 -12.55 -18.86 -18.58
C HIS A 224 -11.79 -17.62 -19.00
N ARG A 225 -11.02 -17.72 -20.07
CA ARG A 225 -10.17 -16.63 -20.55
C ARG A 225 -10.94 -15.32 -20.86
N SER A 226 -10.34 -14.17 -20.51
CA SER A 226 -11.00 -12.88 -20.65
C SER A 226 -11.04 -12.42 -22.11
N PRO A 227 -11.95 -11.49 -22.44
CA PRO A 227 -12.03 -10.94 -23.80
C PRO A 227 -10.69 -10.36 -24.28
N ARG A 228 -10.45 -10.44 -25.58
CA ARG A 228 -9.26 -9.88 -26.19
C ARG A 228 -9.06 -8.40 -25.86
N ALA A 229 -10.16 -7.65 -25.77
CA ALA A 229 -10.10 -6.23 -25.45
C ALA A 229 -9.50 -5.95 -24.07
N ILE A 230 -9.79 -6.82 -23.09
CA ILE A 230 -9.23 -6.66 -21.75
C ILE A 230 -7.75 -6.96 -21.78
N GLU A 231 -7.37 -8.06 -22.42
CA GLU A 231 -5.98 -8.44 -22.55
C GLU A 231 -5.18 -7.33 -23.24
N ASP A 232 -5.75 -6.71 -24.27
CA ASP A 232 -5.08 -5.64 -24.99
C ASP A 232 -4.97 -4.34 -24.18
N GLU A 233 -6.06 -3.95 -23.52
CA GLU A 233 -6.08 -2.78 -22.63
C GLU A 233 -4.90 -2.81 -21.64
N LEU A 234 -4.68 -3.98 -21.04
CA LEU A 234 -3.77 -4.08 -19.89
C LEU A 234 -2.44 -4.75 -20.19
N GLY A 235 -2.30 -5.31 -21.39
CA GLY A 235 -1.08 -6.04 -21.72
C GLY A 235 -0.95 -7.34 -20.95
N LEU A 236 -2.02 -8.12 -20.91
CA LEU A 236 -2.03 -9.34 -20.10
C LEU A 236 -1.44 -10.52 -20.85
N THR A 237 -0.64 -11.30 -20.15
CA THR A 237 -0.27 -12.63 -20.63
C THR A 237 -1.12 -13.66 -19.90
N TYR A 238 -1.80 -14.51 -20.67
CA TYR A 238 -2.65 -15.54 -20.12
C TYR A 238 -1.90 -16.87 -19.94
N HIS A 239 -2.22 -17.58 -18.86
CA HIS A 239 -1.67 -18.91 -18.62
C HIS A 239 -2.80 -19.88 -18.33
N ALA A 240 -2.66 -21.09 -18.84
CA ALA A 240 -3.70 -22.11 -18.70
C ALA A 240 -3.79 -22.68 -17.28
N THR A 241 -2.68 -22.65 -16.55
CA THR A 241 -2.67 -23.16 -15.17
C THR A 241 -1.91 -22.23 -14.21
N ALA A 242 -2.22 -22.36 -12.93
CA ALA A 242 -1.50 -21.65 -11.88
C ALA A 242 -0.01 -21.99 -11.90
N GLU A 243 0.31 -23.27 -12.11
CA GLU A 243 1.71 -23.70 -12.16
C GLU A 243 2.53 -22.96 -13.22
N GLU A 244 1.95 -22.83 -14.41
CA GLU A 244 2.59 -22.10 -15.51
C GLU A 244 2.83 -20.64 -15.14
N MET A 245 1.82 -19.99 -14.58
CA MET A 245 1.95 -18.60 -14.15
C MET A 245 3.02 -18.48 -13.07
N ALA A 246 3.01 -19.41 -12.13
CA ALA A 246 3.97 -19.41 -11.03
C ALA A 246 5.43 -19.39 -11.50
N GLU A 247 5.68 -20.03 -12.63
CA GLU A 247 7.04 -20.12 -13.18
C GLU A 247 7.60 -18.76 -13.60
N VAL A 248 6.71 -17.85 -14.00
CA VAL A 248 7.16 -16.60 -14.60
C VAL A 248 6.92 -15.35 -13.74
N CYS A 249 6.19 -15.50 -12.64
CA CYS A 249 5.85 -14.34 -11.80
C CYS A 249 6.71 -14.14 -10.56
N ASP A 250 7.03 -12.88 -10.31
CA ASP A 250 7.69 -12.46 -9.06
C ASP A 250 6.66 -12.30 -7.93
N VAL A 251 5.45 -11.86 -8.30
CA VAL A 251 4.37 -11.66 -7.34
C VAL A 251 3.11 -12.29 -7.90
N ILE A 252 2.35 -12.98 -7.05
CA ILE A 252 1.03 -13.48 -7.42
C ILE A 252 0.02 -13.05 -6.36
N SER A 253 -1.16 -12.62 -6.82
CA SER A 253 -2.26 -12.26 -5.93
C SER A 253 -3.49 -13.08 -6.31
N ILE A 254 -4.09 -13.71 -5.31
CA ILE A 254 -5.15 -14.69 -5.54
C ILE A 254 -6.50 -14.02 -5.45
N HIS A 255 -7.36 -14.28 -6.45
CA HIS A 255 -8.68 -13.63 -6.51
C HIS A 255 -9.78 -14.54 -7.04
N ALA A 256 -9.64 -15.85 -6.79
CA ALA A 256 -10.67 -16.81 -7.16
C ALA A 256 -11.53 -17.14 -5.94
N PRO A 257 -12.73 -17.70 -6.18
CA PRO A 257 -13.56 -18.18 -5.06
C PRO A 257 -13.03 -19.51 -4.54
N LEU A 258 -13.40 -19.87 -3.31
CA LEU A 258 -13.07 -21.16 -2.74
C LEU A 258 -14.19 -22.18 -3.02
N TYR A 259 -13.79 -23.29 -3.62
CA TYR A 259 -14.69 -24.42 -3.86
C TYR A 259 -13.74 -25.60 -4.14
N PRO A 260 -14.27 -26.83 -4.33
CA PRO A 260 -13.36 -27.99 -4.36
C PRO A 260 -12.17 -27.90 -5.32
N ALA A 261 -12.34 -27.33 -6.51
CA ALA A 261 -11.25 -27.27 -7.48
C ALA A 261 -10.16 -26.24 -7.13
N THR A 262 -10.46 -25.31 -6.23
CA THR A 262 -9.46 -24.33 -5.83
C THR A 262 -8.88 -24.59 -4.43
N GLU A 263 -9.41 -25.59 -3.74
CA GLU A 263 -8.90 -25.94 -2.42
C GLU A 263 -7.47 -26.43 -2.51
N HIS A 264 -6.57 -25.79 -1.76
CA HIS A 264 -5.15 -26.13 -1.72
C HIS A 264 -4.50 -26.08 -3.09
N LEU A 265 -4.98 -25.19 -3.94
CA LEU A 265 -4.38 -24.93 -5.23
C LEU A 265 -2.93 -24.51 -5.06
N PHE A 266 -2.70 -23.57 -4.14
CA PHE A 266 -1.35 -23.15 -3.84
C PHE A 266 -0.75 -23.95 -2.69
N ASN A 267 -0.30 -25.16 -3.04
CA ASN A 267 0.45 -25.99 -2.12
C ASN A 267 1.91 -26.04 -2.56
N ALA A 268 2.72 -26.86 -1.89
CA ALA A 268 4.17 -26.91 -2.19
C ALA A 268 4.50 -27.10 -3.67
N LYS A 269 3.70 -27.88 -4.38
CA LYS A 269 4.01 -28.21 -5.77
C LYS A 269 4.00 -26.94 -6.62
N VAL A 270 3.04 -26.07 -6.35
CA VAL A 270 2.92 -24.82 -7.09
C VAL A 270 3.92 -23.78 -6.56
N LEU A 271 4.01 -23.68 -5.24
CA LEU A 271 4.93 -22.73 -4.62
C LEU A 271 6.35 -22.95 -5.13
N ASN A 272 6.74 -24.21 -5.26
CA ASN A 272 8.10 -24.57 -5.69
C ASN A 272 8.41 -24.27 -7.15
N LYS A 273 7.38 -23.99 -7.92
CA LYS A 273 7.58 -23.60 -9.31
C LYS A 273 8.03 -22.14 -9.43
N MET A 274 7.79 -21.35 -8.39
CA MET A 274 8.19 -19.94 -8.44
C MET A 274 9.68 -19.81 -8.22
N ARG A 275 10.26 -18.66 -8.63
CA ARG A 275 11.70 -18.42 -8.40
C ARG A 275 12.02 -17.82 -7.02
N HIS A 276 12.94 -18.49 -6.38
CA HIS A 276 13.26 -18.27 -4.98
C HIS A 276 13.13 -16.79 -4.64
N GLY A 277 12.39 -16.48 -3.58
CA GLY A 277 12.21 -15.10 -3.17
C GLY A 277 11.03 -14.40 -3.82
N SER A 278 10.05 -15.18 -4.28
CA SER A 278 8.82 -14.58 -4.81
C SER A 278 7.84 -14.18 -3.70
N TYR A 279 6.75 -13.53 -4.10
CA TYR A 279 5.79 -12.97 -3.16
C TYR A 279 4.39 -13.44 -3.50
N LEU A 280 3.60 -13.71 -2.47
CA LEU A 280 2.24 -14.18 -2.65
C LEU A 280 1.30 -13.41 -1.72
N VAL A 281 0.23 -12.89 -2.30
CA VAL A 281 -0.82 -12.18 -1.56
C VAL A 281 -2.12 -12.93 -1.77
N ASN A 282 -2.86 -13.13 -0.69
CA ASN A 282 -4.11 -13.89 -0.73
C ASN A 282 -5.17 -13.18 0.08
N THR A 283 -6.02 -12.44 -0.63
CA THR A 283 -7.17 -11.78 -0.06
C THR A 283 -8.43 -12.41 -0.61
N ALA A 284 -8.31 -13.65 -1.08
CA ALA A 284 -9.46 -14.38 -1.60
C ALA A 284 -10.01 -15.27 -0.49
N ARG A 285 -9.45 -16.47 -0.33
CA ARG A 285 -9.79 -17.36 0.78
C ARG A 285 -8.56 -18.17 1.18
N ALA A 286 -8.38 -18.36 2.48
CA ALA A 286 -7.16 -19.00 3.01
C ALA A 286 -6.91 -20.39 2.46
N GLU A 287 -7.97 -21.20 2.39
CA GLU A 287 -7.82 -22.59 1.97
C GLU A 287 -7.55 -22.77 0.48
N ILE A 288 -7.42 -21.67 -0.25
CA ILE A 288 -6.90 -21.77 -1.62
C ILE A 288 -5.40 -22.10 -1.52
N CYS A 289 -4.81 -21.70 -0.40
CA CYS A 289 -3.43 -22.06 -0.07
C CYS A 289 -3.39 -23.24 0.90
N ASP A 290 -2.31 -24.00 0.87
CA ASP A 290 -2.07 -25.02 1.90
C ASP A 290 -1.39 -24.32 3.08
N ARG A 291 -2.07 -24.28 4.22
CA ARG A 291 -1.62 -23.46 5.36
C ARG A 291 -0.15 -23.69 5.75
N ASP A 292 0.21 -24.95 5.96
CA ASP A 292 1.55 -25.28 6.43
C ASP A 292 2.61 -25.19 5.34
N ASP A 293 2.24 -25.43 4.09
CA ASP A 293 3.18 -25.25 2.99
C ASP A 293 3.57 -23.77 2.82
N ILE A 294 2.64 -22.86 3.11
CA ILE A 294 2.96 -21.43 3.10
C ILE A 294 4.03 -21.12 4.15
N VAL A 295 3.83 -21.62 5.36
CA VAL A 295 4.83 -21.48 6.42
C VAL A 295 6.20 -22.03 5.98
N ARG A 296 6.20 -23.25 5.47
CA ARG A 296 7.45 -23.86 5.00
C ARG A 296 8.15 -23.03 3.92
N ALA A 297 7.37 -22.49 2.98
CA ALA A 297 7.95 -21.67 1.91
C ALA A 297 8.61 -20.40 2.45
N LEU A 298 8.02 -19.80 3.49
CA LEU A 298 8.60 -18.60 4.08
C LEU A 298 9.85 -18.92 4.91
N GLU A 299 9.82 -20.05 5.60
CA GLU A 299 10.97 -20.44 6.45
C GLU A 299 12.21 -20.75 5.60
N SER A 300 11.99 -21.23 4.38
CA SER A 300 13.11 -21.57 3.50
C SER A 300 13.52 -20.40 2.59
N GLY A 301 12.67 -19.39 2.51
CA GLY A 301 12.92 -18.26 1.64
C GLY A 301 12.44 -18.48 0.23
N GLN A 302 11.77 -19.60 -0.01
CA GLN A 302 11.19 -19.87 -1.32
C GLN A 302 10.20 -18.75 -1.63
N LEU A 303 9.43 -18.38 -0.61
CA LEU A 303 8.66 -17.15 -0.61
C LEU A 303 9.44 -16.11 0.21
N ALA A 304 9.67 -14.95 -0.38
CA ALA A 304 10.25 -13.83 0.37
C ALA A 304 9.20 -13.13 1.23
N GLY A 305 7.93 -13.33 0.92
CA GLY A 305 6.88 -12.74 1.76
C GLY A 305 5.49 -13.23 1.39
N TYR A 306 4.58 -13.18 2.36
CA TYR A 306 3.20 -13.59 2.15
C TYR A 306 2.36 -12.60 2.92
N ALA A 307 1.21 -12.22 2.36
CA ALA A 307 0.33 -11.31 3.08
C ALA A 307 -1.08 -11.56 2.61
N GLY A 308 -2.04 -11.35 3.52
CA GLY A 308 -3.44 -11.51 3.18
C GLY A 308 -4.26 -11.18 4.40
N ASP A 309 -5.57 -11.10 4.21
CA ASP A 309 -6.46 -10.89 5.35
C ASP A 309 -7.36 -12.07 5.59
N VAL A 310 -7.20 -13.14 4.83
CA VAL A 310 -8.08 -14.30 5.00
C VAL A 310 -7.39 -15.48 5.69
N TRP A 311 -8.14 -16.17 6.56
CA TRP A 311 -7.56 -17.22 7.40
C TRP A 311 -8.50 -18.43 7.42
N PHE A 312 -8.00 -19.58 7.87
CA PHE A 312 -8.91 -20.69 8.18
C PHE A 312 -8.52 -21.37 9.49
N PRO A 313 -9.52 -21.61 10.38
CA PRO A 313 -10.91 -21.14 10.29
C PRO A 313 -10.97 -19.64 10.62
N GLN A 314 -12.18 -19.08 10.63
CA GLN A 314 -12.34 -17.69 11.07
C GLN A 314 -13.38 -17.62 12.19
N PRO A 315 -13.02 -16.97 13.32
CA PRO A 315 -11.74 -16.28 13.56
C PRO A 315 -10.57 -17.28 13.69
N ALA A 316 -9.38 -16.82 13.32
CA ALA A 316 -8.16 -17.60 13.48
C ALA A 316 -7.84 -17.75 14.96
N PRO A 317 -7.51 -18.98 15.41
CA PRO A 317 -7.09 -19.17 16.80
C PRO A 317 -5.87 -18.32 17.13
N ALA A 318 -5.67 -18.02 18.40
CA ALA A 318 -4.55 -17.19 18.84
C ALA A 318 -3.19 -17.76 18.42
N ASN A 319 -3.15 -19.08 18.25
CA ASN A 319 -1.90 -19.77 17.91
C ASN A 319 -1.79 -20.17 16.43
N HIS A 320 -2.66 -19.61 15.60
CA HIS A 320 -2.61 -19.91 14.16
C HIS A 320 -1.22 -19.57 13.64
N PRO A 321 -0.61 -20.49 12.88
CA PRO A 321 0.80 -20.31 12.46
C PRO A 321 1.04 -19.16 11.49
N TRP A 322 -0.01 -18.64 10.85
CA TRP A 322 0.20 -17.51 9.95
C TRP A 322 0.47 -16.21 10.69
N ARG A 323 0.17 -16.17 11.98
CA ARG A 323 0.34 -14.92 12.75
C ARG A 323 1.79 -14.47 12.87
N ASN A 324 2.68 -15.41 13.14
CA ASN A 324 4.06 -15.03 13.41
C ASN A 324 5.09 -15.75 12.56
N MET A 325 4.64 -16.37 11.48
CA MET A 325 5.57 -16.90 10.49
C MET A 325 6.41 -15.75 9.94
N PRO A 326 7.63 -16.06 9.45
CA PRO A 326 8.53 -14.99 9.00
C PRO A 326 7.95 -14.20 7.83
N HIS A 327 8.28 -12.92 7.75
CA HIS A 327 8.05 -12.10 6.56
C HIS A 327 6.60 -12.11 6.12
N ASN A 328 5.67 -11.97 7.07
CA ASN A 328 4.26 -11.91 6.72
C ASN A 328 3.68 -10.49 6.84
N GLY A 329 2.63 -10.22 6.09
CA GLY A 329 1.96 -8.93 6.17
C GLY A 329 0.48 -9.05 6.51
N MET A 330 0.13 -10.03 7.35
CA MET A 330 -1.28 -10.37 7.61
C MET A 330 -2.06 -9.25 8.30
N THR A 331 -3.35 -9.19 8.04
CA THR A 331 -4.30 -8.57 8.96
C THR A 331 -5.41 -9.58 9.23
N PRO A 332 -6.22 -9.33 10.29
CA PRO A 332 -7.46 -10.08 10.41
C PRO A 332 -8.35 -9.79 9.19
N HIS A 333 -9.43 -10.55 9.02
CA HIS A 333 -10.26 -10.39 7.82
C HIS A 333 -11.09 -9.11 7.86
N MET A 334 -10.56 -8.05 7.24
CA MET A 334 -11.11 -6.71 7.40
C MET A 334 -11.37 -5.97 6.08
N SER A 335 -10.79 -6.42 4.97
CA SER A 335 -10.76 -5.56 3.78
C SER A 335 -12.16 -5.18 3.33
N GLY A 336 -13.00 -6.18 3.12
CA GLY A 336 -14.36 -5.95 2.68
C GLY A 336 -15.26 -5.34 3.76
N SER A 337 -14.75 -5.19 4.98
CA SER A 337 -15.53 -4.58 6.05
C SER A 337 -15.03 -3.17 6.40
N SER A 338 -14.35 -2.52 5.45
CA SER A 338 -14.07 -1.09 5.62
C SER A 338 -15.43 -0.43 5.77
N LEU A 339 -15.47 0.71 6.44
CA LEU A 339 -16.76 1.39 6.63
C LEU A 339 -17.41 1.71 5.27
N SER A 340 -16.59 2.01 4.27
CA SER A 340 -17.08 2.31 2.93
C SER A 340 -17.75 1.08 2.35
N GLY A 341 -17.11 -0.07 2.53
CA GLY A 341 -17.67 -1.33 2.05
C GLY A 341 -18.95 -1.74 2.78
N GLN A 342 -18.94 -1.57 4.09
CA GLN A 342 -20.12 -1.93 4.89
C GLN A 342 -21.37 -1.19 4.44
N ALA A 343 -21.21 0.07 4.04
CA ALA A 343 -22.37 0.87 3.62
C ALA A 343 -23.04 0.17 2.44
N ARG A 344 -22.24 -0.28 1.49
CA ARG A 344 -22.78 -0.96 0.31
C ARG A 344 -23.35 -2.35 0.62
N TYR A 345 -22.65 -3.19 1.37
CA TYR A 345 -23.21 -4.51 1.59
C TYR A 345 -24.38 -4.52 2.57
N ALA A 346 -24.41 -3.58 3.50
CA ALA A 346 -25.60 -3.45 4.36
C ALA A 346 -26.78 -3.04 3.51
N ALA A 347 -26.56 -2.13 2.56
CA ALA A 347 -27.63 -1.68 1.68
C ALA A 347 -28.12 -2.82 0.78
N GLY A 348 -27.17 -3.63 0.31
CA GLY A 348 -27.50 -4.77 -0.52
C GLY A 348 -28.22 -5.87 0.24
N THR A 349 -27.86 -6.04 1.50
CA THR A 349 -28.53 -7.05 2.32
C THR A 349 -30.00 -6.66 2.45
N ARG A 350 -30.25 -5.40 2.72
CA ARG A 350 -31.63 -4.91 2.80
C ARG A 350 -32.36 -5.06 1.47
N GLU A 351 -31.67 -4.71 0.39
CA GLU A 351 -32.28 -4.81 -0.94
C GLU A 351 -32.75 -6.24 -1.21
N ILE A 352 -31.90 -7.20 -0.89
CA ILE A 352 -32.22 -8.61 -1.12
C ILE A 352 -33.41 -9.05 -0.29
N LEU A 353 -33.42 -8.64 0.98
CA LEU A 353 -34.53 -8.96 1.86
C LEU A 353 -35.83 -8.35 1.34
N GLU A 354 -35.78 -7.09 0.89
CA GLU A 354 -36.98 -6.44 0.35
C GLU A 354 -37.53 -7.26 -0.82
N CYS A 355 -36.68 -7.63 -1.77
CA CYS A 355 -37.09 -8.52 -2.86
C CYS A 355 -37.71 -9.83 -2.35
N TRP A 356 -37.01 -10.48 -1.42
CA TRP A 356 -37.44 -11.78 -0.90
C TRP A 356 -38.82 -11.66 -0.26
N PHE A 357 -38.99 -10.67 0.61
CA PHE A 357 -40.26 -10.49 1.32
C PHE A 357 -41.40 -10.01 0.44
N GLU A 358 -41.06 -9.38 -0.68
CA GLU A 358 -42.07 -8.86 -1.60
C GLU A 358 -42.32 -9.79 -2.79
N ASN A 359 -41.80 -11.01 -2.70
CA ASN A 359 -41.90 -11.99 -3.76
C ASN A 359 -41.44 -11.46 -5.13
N ARG A 360 -40.33 -10.71 -5.12
CA ARG A 360 -39.70 -10.24 -6.35
C ARG A 360 -38.32 -10.90 -6.47
N PRO A 361 -37.77 -10.99 -7.70
CA PRO A 361 -36.48 -11.66 -7.89
C PRO A 361 -35.34 -11.01 -7.13
N ILE A 362 -34.48 -11.82 -6.53
CA ILE A 362 -33.17 -11.35 -6.09
C ILE A 362 -32.36 -11.17 -7.36
N ARG A 363 -31.59 -10.08 -7.47
CA ARG A 363 -30.76 -9.84 -8.64
C ARG A 363 -30.01 -11.08 -9.04
N ASP A 364 -30.04 -11.39 -10.34
CA ASP A 364 -29.32 -12.55 -10.84
C ASP A 364 -27.85 -12.53 -10.41
N GLU A 365 -27.21 -11.36 -10.49
CA GLU A 365 -25.79 -11.27 -10.14
C GLU A 365 -25.50 -11.54 -8.66
N TYR A 366 -26.53 -11.46 -7.82
CA TYR A 366 -26.38 -11.74 -6.40
C TYR A 366 -26.53 -13.23 -6.08
N LEU A 367 -27.13 -13.99 -6.99
CA LEU A 367 -27.40 -15.40 -6.72
C LEU A 367 -26.15 -16.31 -6.76
N ILE A 368 -26.08 -17.23 -5.81
CA ILE A 368 -25.05 -18.27 -5.82
C ILE A 368 -25.70 -19.64 -6.05
N VAL A 369 -26.73 -19.92 -5.27
CA VAL A 369 -27.52 -21.14 -5.42
C VAL A 369 -28.99 -20.75 -5.44
N SER A 370 -29.74 -21.29 -6.39
CA SER A 370 -31.17 -21.07 -6.40
C SER A 370 -31.86 -22.30 -6.99
N ASN A 371 -33.01 -22.65 -6.40
CA ASN A 371 -33.80 -23.78 -6.88
CA ASN A 371 -33.82 -23.81 -6.79
C ASN A 371 -33.02 -25.06 -7.17
N GLY A 372 -32.20 -25.51 -6.24
CA GLY A 372 -31.50 -26.76 -6.38
C GLY A 372 -30.36 -26.83 -7.38
N LYS A 373 -29.75 -25.69 -7.69
CA LYS A 373 -28.56 -25.69 -8.53
C LYS A 373 -27.77 -24.39 -8.38
N LEU A 374 -26.50 -24.41 -8.78
CA LEU A 374 -25.76 -23.17 -8.92
C LEU A 374 -26.51 -22.27 -9.89
N ALA A 375 -26.57 -20.97 -9.58
CA ALA A 375 -27.35 -20.02 -10.36
C ALA A 375 -26.66 -18.66 -10.34
N GLY A 376 -27.00 -17.81 -11.30
CA GLY A 376 -26.42 -16.48 -11.37
C GLY A 376 -24.90 -16.50 -11.34
N THR A 377 -24.32 -15.68 -10.46
CA THR A 377 -22.86 -15.60 -10.32
C THR A 377 -22.26 -16.92 -9.85
N GLY A 378 -23.01 -17.66 -9.05
CA GLY A 378 -22.56 -18.95 -8.59
C GLY A 378 -22.29 -19.92 -9.74
N ALA A 379 -23.15 -19.89 -10.75
CA ALA A 379 -22.99 -20.77 -11.91
C ALA A 379 -21.79 -20.36 -12.77
N LYS A 380 -21.47 -19.07 -12.76
CA LYS A 380 -20.33 -18.57 -13.52
C LYS A 380 -18.99 -18.70 -12.79
N SER A 381 -18.99 -18.52 -11.48
CA SER A 381 -17.73 -18.41 -10.73
C SER A 381 -17.36 -19.60 -9.87
N TYR A 382 -18.36 -20.35 -9.41
CA TYR A 382 -18.13 -21.47 -8.50
C TYR A 382 -18.26 -22.83 -9.19
N GLY A 383 -17.79 -23.87 -8.51
CA GLY A 383 -18.05 -25.25 -8.89
C GLY A 383 -18.46 -26.02 -7.66
N VAL A 384 -19.02 -27.21 -7.84
CA VAL A 384 -19.40 -28.06 -6.73
C VAL A 384 -18.87 -29.49 -6.89
N GLY A 385 -18.05 -29.71 -7.92
CA GLY A 385 -17.45 -31.01 -8.16
C GLY A 385 -16.41 -31.37 -7.12
N ALA B 2 43.12 12.98 -6.41
CA ALA B 2 42.07 13.67 -5.67
C ALA B 2 41.59 12.84 -4.47
N LYS B 3 41.03 13.54 -3.49
CA LYS B 3 40.52 12.89 -2.28
C LYS B 3 39.00 12.90 -2.28
N VAL B 4 38.41 11.71 -2.26
CA VAL B 4 36.96 11.57 -2.24
C VAL B 4 36.52 11.13 -0.86
N LEU B 5 35.73 11.98 -0.20
CA LEU B 5 35.21 11.71 1.13
C LEU B 5 33.75 11.30 1.00
N CYS B 6 33.43 10.09 1.44
CA CYS B 6 32.12 9.50 1.17
C CYS B 6 31.46 8.98 2.45
N VAL B 7 30.32 9.57 2.79
CA VAL B 7 29.59 9.18 4.00
C VAL B 7 28.43 8.27 3.64
N LEU B 8 28.43 7.06 4.20
CA LEU B 8 27.39 6.06 3.94
C LEU B 8 26.83 5.57 5.27
N TYR B 9 25.69 4.89 5.25
CA TYR B 9 25.14 4.40 6.53
C TYR B 9 25.81 3.09 6.98
N ASP B 10 25.60 2.71 8.23
CA ASP B 10 26.24 1.50 8.75
C ASP B 10 25.76 0.23 8.04
N ASP B 11 26.60 -0.81 8.08
CA ASP B 11 26.25 -2.13 7.60
C ASP B 11 25.04 -2.70 8.34
N PRO B 12 24.37 -3.71 7.76
CA PRO B 12 23.29 -4.37 8.49
C PRO B 12 23.76 -4.92 9.83
N THR B 13 22.87 -4.95 10.81
CA THR B 13 23.18 -5.49 12.13
C THR B 13 23.66 -6.94 12.05
N SER B 14 23.09 -7.69 11.11
CA SER B 14 23.41 -9.09 10.90
C SER B 14 24.79 -9.31 10.25
N GLY B 15 25.39 -8.23 9.76
CA GLY B 15 26.66 -8.33 9.06
C GLY B 15 26.53 -8.05 7.57
N TYR B 16 27.67 -7.95 6.90
CA TYR B 16 27.71 -7.70 5.47
C TYR B 16 28.50 -8.80 4.77
N PRO B 17 28.00 -9.30 3.63
CA PRO B 17 26.75 -8.89 2.98
C PRO B 17 25.53 -9.50 3.66
N PRO B 18 24.34 -8.89 3.47
CA PRO B 18 23.13 -9.48 4.02
C PRO B 18 22.78 -10.73 3.22
N LEU B 19 21.89 -11.55 3.76
CA LEU B 19 21.35 -12.67 3.02
C LEU B 19 20.25 -12.14 2.11
N TYR B 20 20.50 -12.11 0.81
CA TYR B 20 19.54 -11.53 -0.14
C TYR B 20 18.33 -12.44 -0.35
N ALA B 21 17.15 -11.84 -0.44
CA ALA B 21 15.92 -12.59 -0.65
C ALA B 21 15.84 -13.12 -2.07
N ARG B 22 16.42 -12.37 -3.00
CA ARG B 22 16.45 -12.77 -4.40
C ARG B 22 17.80 -12.38 -5.02
N ASN B 23 18.14 -13.00 -6.14
CA ASN B 23 19.47 -12.82 -6.72
C ASN B 23 19.54 -11.82 -7.87
N ALA B 24 18.38 -11.33 -8.32
CA ALA B 24 18.35 -10.40 -9.44
C ALA B 24 17.16 -9.45 -9.35
N ILE B 25 17.30 -8.29 -9.98
CA ILE B 25 16.24 -7.30 -10.05
C ILE B 25 15.92 -6.93 -11.48
N PRO B 26 14.74 -6.33 -11.71
CA PRO B 26 14.37 -5.93 -13.08
C PRO B 26 15.34 -4.93 -13.68
N LYS B 27 15.51 -5.03 -14.99
CA LYS B 27 16.35 -4.09 -15.73
C LYS B 27 15.50 -2.91 -16.20
N ILE B 28 15.82 -1.72 -15.71
CA ILE B 28 15.17 -0.49 -16.15
C ILE B 28 16.09 0.21 -17.12
N GLU B 29 15.56 0.61 -18.28
CA GLU B 29 16.35 1.26 -19.32
C GLU B 29 16.12 2.76 -19.38
N ARG B 30 14.90 3.17 -19.07
N ARG B 30 14.89 3.17 -19.06
CA ARG B 30 14.51 4.55 -19.25
CA ARG B 30 14.45 4.53 -19.30
C ARG B 30 13.48 4.98 -18.22
C ARG B 30 13.46 4.98 -18.24
N TYR B 31 13.47 6.26 -17.92
CA TYR B 31 12.49 6.86 -17.02
C TYR B 31 11.26 7.31 -17.82
N PRO B 32 10.14 7.54 -17.15
CA PRO B 32 8.89 7.81 -17.89
C PRO B 32 8.89 9.05 -18.79
N ASP B 33 9.78 10.00 -18.56
CA ASP B 33 9.81 11.21 -19.37
C ASP B 33 10.78 11.09 -20.54
N GLY B 34 11.45 9.95 -20.66
CA GLY B 34 12.40 9.72 -21.75
C GLY B 34 13.86 9.80 -21.32
N GLN B 35 14.12 10.28 -20.11
CA GLN B 35 15.50 10.36 -19.62
C GLN B 35 16.10 8.97 -19.51
N THR B 36 17.34 8.80 -19.97
CA THR B 36 17.99 7.51 -19.88
C THR B 36 18.51 7.29 -18.46
N VAL B 37 18.52 6.04 -18.01
CA VAL B 37 19.16 5.68 -16.77
C VAL B 37 20.66 5.96 -16.90
N PRO B 38 21.39 5.99 -15.78
CA PRO B 38 22.82 6.35 -15.86
C PRO B 38 23.63 5.49 -16.82
N ASN B 39 24.63 6.12 -17.43
CA ASN B 39 25.48 5.43 -18.40
C ASN B 39 26.97 5.50 -18.08
N PRO B 40 27.37 4.98 -16.90
CA PRO B 40 28.81 4.95 -16.62
C PRO B 40 29.46 3.92 -17.54
N LYS B 41 30.78 3.98 -17.73
CA LYS B 41 31.46 3.01 -18.60
C LYS B 41 31.32 1.58 -18.11
N HIS B 42 31.35 1.41 -16.79
CA HIS B 42 31.24 0.10 -16.17
C HIS B 42 30.60 0.26 -14.81
N ILE B 43 30.06 -0.83 -14.28
CA ILE B 43 29.73 -0.86 -12.86
C ILE B 43 30.45 -2.04 -12.21
N ASP B 44 30.90 -1.84 -10.98
CA ASP B 44 31.59 -2.90 -10.25
C ASP B 44 30.69 -3.52 -9.18
N PHE B 45 29.46 -3.84 -9.56
CA PHE B 45 28.50 -4.52 -8.69
C PHE B 45 27.46 -5.24 -9.52
N VAL B 46 26.75 -6.17 -8.89
CA VAL B 46 25.57 -6.78 -9.52
C VAL B 46 24.36 -6.01 -9.02
N PRO B 47 23.55 -5.46 -9.94
CA PRO B 47 22.34 -4.75 -9.53
C PRO B 47 21.53 -5.65 -8.61
N GLY B 48 21.19 -5.15 -7.42
CA GLY B 48 20.51 -5.97 -6.44
C GLY B 48 21.32 -6.05 -5.15
N GLU B 49 22.61 -5.76 -5.22
CA GLU B 49 23.44 -5.78 -4.04
C GLU B 49 23.24 -4.53 -3.18
N LEU B 50 23.52 -4.67 -1.89
CA LEU B 50 23.44 -3.53 -0.97
C LEU B 50 24.68 -2.67 -1.15
N LEU B 51 24.48 -1.42 -1.56
CA LEU B 51 25.60 -0.55 -1.93
C LEU B 51 25.70 0.67 -1.05
N GLY B 52 24.60 1.05 -0.40
CA GLY B 52 24.54 2.32 0.32
C GLY B 52 25.14 2.32 1.71
N CYS B 53 25.68 1.19 2.15
CA CYS B 53 26.31 1.11 3.47
C CYS B 53 27.83 1.13 3.35
N VAL B 54 28.50 1.33 4.48
CA VAL B 54 29.96 1.45 4.53
C VAL B 54 30.70 0.34 3.77
N SER B 55 30.29 -0.92 3.94
CA SER B 55 30.95 -2.01 3.22
C SER B 55 30.61 -2.06 1.74
N GLY B 56 29.45 -1.53 1.38
CA GLY B 56 29.01 -1.55 -0.02
C GLY B 56 29.76 -0.56 -0.89
N GLU B 57 30.14 0.57 -0.30
CA GLU B 57 31.01 1.58 -0.91
C GLU B 57 30.47 2.23 -2.21
N LEU B 58 29.16 2.08 -2.45
CA LEU B 58 28.54 2.52 -3.72
C LEU B 58 29.25 1.89 -4.93
N GLY B 59 30.00 0.82 -4.68
CA GLY B 59 30.77 0.13 -5.70
C GLY B 59 31.88 0.97 -6.33
N LEU B 60 32.44 1.90 -5.56
CA LEU B 60 33.34 2.89 -6.13
C LEU B 60 34.83 2.68 -5.90
N ARG B 61 35.21 1.83 -4.94
CA ARG B 61 36.61 1.82 -4.50
C ARG B 61 37.64 1.48 -5.60
N SER B 62 37.42 0.39 -6.32
CA SER B 62 38.37 0.00 -7.37
C SER B 62 38.48 1.04 -8.47
N TYR B 63 37.33 1.59 -8.90
CA TYR B 63 37.33 2.63 -9.90
C TYR B 63 38.19 3.82 -9.48
N LEU B 64 38.02 4.26 -8.24
CA LEU B 64 38.73 5.42 -7.75
C LEU B 64 40.20 5.13 -7.47
N GLU B 65 40.47 4.00 -6.83
CA GLU B 65 41.84 3.67 -6.43
C GLU B 65 42.74 3.31 -7.61
N ASP B 66 42.16 2.66 -8.62
CA ASP B 66 42.90 2.41 -9.86
C ASP B 66 43.31 3.69 -10.57
N LEU B 67 42.61 4.79 -10.32
CA LEU B 67 42.93 6.07 -10.94
C LEU B 67 43.87 6.90 -10.06
N GLY B 68 44.26 6.32 -8.92
CA GLY B 68 45.16 7.00 -8.00
C GLY B 68 44.49 7.97 -7.04
N HIS B 69 43.16 7.94 -6.98
CA HIS B 69 42.47 8.79 -6.02
C HIS B 69 42.39 8.07 -4.68
N THR B 70 42.21 8.85 -3.63
CA THR B 70 42.01 8.28 -2.30
C THR B 70 40.52 8.30 -2.01
N PHE B 71 40.04 7.28 -1.34
CA PHE B 71 38.61 7.09 -1.13
C PHE B 71 38.40 6.75 0.34
N ILE B 72 37.85 7.71 1.08
CA ILE B 72 37.55 7.52 2.49
C ILE B 72 36.05 7.38 2.71
N VAL B 73 35.66 6.24 3.26
CA VAL B 73 34.27 5.94 3.54
C VAL B 73 34.06 5.83 5.05
N THR B 74 33.03 6.51 5.54
CA THR B 74 32.71 6.49 6.97
C THR B 74 31.20 6.71 7.16
N SER B 75 30.69 6.30 8.32
CA SER B 75 29.32 6.61 8.68
C SER B 75 29.33 7.71 9.74
N ASP B 76 30.52 7.96 10.30
CA ASP B 76 30.69 8.93 11.39
C ASP B 76 30.62 10.37 10.86
N LYS B 77 29.47 11.03 11.06
CA LYS B 77 29.19 12.29 10.38
C LYS B 77 28.77 13.44 11.30
N GLU B 78 28.62 13.18 12.59
CA GLU B 78 28.09 14.18 13.51
C GLU B 78 29.17 14.93 14.27
N GLY B 79 29.06 16.26 14.27
CA GLY B 79 29.94 17.10 15.06
C GLY B 79 31.32 17.30 14.45
N PRO B 80 32.07 18.26 14.99
CA PRO B 80 33.43 18.57 14.51
C PRO B 80 34.47 17.48 14.81
N ASN B 81 34.14 16.53 15.67
CA ASN B 81 35.05 15.42 15.95
C ASN B 81 34.82 14.16 15.10
N SER B 82 33.83 14.22 14.21
CA SER B 82 33.54 13.07 13.33
C SER B 82 34.67 12.82 12.34
N VAL B 83 34.76 11.58 11.86
CA VAL B 83 35.66 11.28 10.75
C VAL B 83 35.35 12.21 9.57
N PHE B 84 34.06 12.42 9.29
CA PHE B 84 33.67 13.31 8.20
C PHE B 84 34.29 14.71 8.31
N GLU B 85 34.06 15.38 9.44
CA GLU B 85 34.49 16.77 9.57
C GLU B 85 36.02 16.86 9.67
N LYS B 86 36.64 15.83 10.22
CA LYS B 86 38.09 15.79 10.33
C LYS B 86 38.74 15.67 8.95
N GLU B 87 38.15 14.86 8.09
CA GLU B 87 38.69 14.60 6.75
C GLU B 87 38.28 15.68 5.74
N LEU B 88 37.24 16.43 6.09
CA LEU B 88 36.67 17.45 5.20
C LEU B 88 37.64 18.53 4.64
N PRO B 89 38.53 19.09 5.49
CA PRO B 89 39.35 20.23 5.01
C PRO B 89 40.15 20.04 3.72
N ASP B 90 40.58 18.82 3.39
CA ASP B 90 41.33 18.64 2.14
C ASP B 90 40.63 17.69 1.15
N ALA B 91 39.32 17.54 1.32
CA ALA B 91 38.53 16.73 0.40
C ALA B 91 38.19 17.53 -0.85
N ASP B 92 38.45 16.94 -2.02
CA ASP B 92 38.10 17.57 -3.29
C ASP B 92 36.65 17.30 -3.64
N ILE B 93 36.18 16.14 -3.23
CA ILE B 93 34.81 15.70 -3.53
C ILE B 93 34.18 15.11 -2.29
N VAL B 94 32.92 15.46 -2.04
CA VAL B 94 32.16 14.86 -0.96
C VAL B 94 30.90 14.23 -1.53
N ILE B 95 30.62 13.00 -1.10
CA ILE B 95 29.45 12.24 -1.52
C ILE B 95 28.69 11.77 -0.28
N SER B 96 27.38 11.99 -0.25
CA SER B 96 26.55 11.32 0.75
C SER B 96 25.14 11.14 0.22
N GLN B 97 24.35 10.34 0.93
CA GLN B 97 22.99 10.02 0.54
C GLN B 97 22.04 10.80 1.44
N PRO B 98 20.87 11.21 0.92
CA PRO B 98 19.88 11.88 1.77
C PRO B 98 19.48 11.06 2.98
N PHE B 99 19.60 9.73 2.90
CA PHE B 99 19.13 8.84 3.96
C PHE B 99 20.02 8.88 5.21
N TRP B 100 21.26 9.31 5.01
CA TRP B 100 22.24 9.44 6.08
C TRP B 100 23.15 10.59 5.62
N PRO B 101 22.61 11.81 5.69
CA PRO B 101 23.23 12.93 4.96
C PRO B 101 24.37 13.58 5.71
N ALA B 102 25.47 13.80 5.01
CA ALA B 102 26.56 14.60 5.55
C ALA B 102 26.23 16.07 5.32
N TYR B 103 25.69 16.74 6.33
CA TYR B 103 25.22 18.11 6.13
C TYR B 103 26.37 19.05 5.80
N LEU B 104 26.22 19.81 4.72
CA LEU B 104 27.21 20.82 4.35
C LEU B 104 26.66 22.20 4.68
N THR B 105 26.79 22.55 5.96
CA THR B 105 26.41 23.84 6.48
C THR B 105 27.39 24.87 5.94
N ALA B 106 27.02 26.15 6.02
CA ALA B 106 27.88 27.22 5.56
C ALA B 106 29.20 27.17 6.31
N GLU B 107 29.13 26.80 7.58
CA GLU B 107 30.30 26.66 8.42
C GLU B 107 31.21 25.53 7.93
N ARG B 108 30.62 24.39 7.57
CA ARG B 108 31.44 23.27 7.08
C ARG B 108 32.04 23.59 5.71
N ILE B 109 31.28 24.25 4.86
CA ILE B 109 31.76 24.62 3.54
C ILE B 109 32.97 25.55 3.66
N ALA B 110 32.92 26.45 4.63
CA ALA B 110 34.03 27.38 4.90
C ALA B 110 35.32 26.66 5.30
N LYS B 111 35.19 25.56 6.04
CA LYS B 111 36.34 24.72 6.41
C LYS B 111 36.85 23.87 5.24
N ALA B 112 35.99 23.65 4.25
CA ALA B 112 36.33 22.74 3.16
C ALA B 112 37.13 23.43 2.07
N LYS B 113 38.42 23.63 2.32
CA LYS B 113 39.26 24.46 1.48
C LYS B 113 39.50 23.90 0.07
N LYS B 114 39.32 22.59 -0.11
CA LYS B 114 39.57 21.97 -1.40
C LYS B 114 38.31 21.44 -2.06
N LEU B 115 37.16 21.70 -1.46
CA LEU B 115 35.91 21.13 -1.97
C LEU B 115 35.45 21.80 -3.26
N LYS B 116 35.28 21.02 -4.32
CA LYS B 116 34.81 21.56 -5.59
C LYS B 116 33.52 20.91 -6.11
N LEU B 117 33.23 19.70 -5.61
CA LEU B 117 32.05 18.95 -6.04
C LEU B 117 31.37 18.27 -4.84
N ALA B 118 30.14 18.69 -4.57
CA ALA B 118 29.29 18.05 -3.56
C ALA B 118 28.28 17.18 -4.29
N LEU B 119 28.42 15.88 -4.15
CA LEU B 119 27.64 14.94 -4.96
C LEU B 119 26.69 14.16 -4.07
N THR B 120 25.40 14.31 -4.33
CA THR B 120 24.38 13.58 -3.62
C THR B 120 24.22 12.22 -4.30
N ALA B 121 24.21 11.15 -3.52
CA ALA B 121 23.93 9.82 -4.03
C ALA B 121 22.47 9.56 -3.74
N GLY B 122 21.63 9.75 -4.76
CA GLY B 122 20.18 9.79 -4.58
C GLY B 122 19.60 11.09 -5.12
N ILE B 123 18.43 11.49 -4.63
CA ILE B 123 17.77 12.71 -5.10
C ILE B 123 17.50 13.66 -3.93
N GLY B 124 17.71 14.96 -4.15
CA GLY B 124 17.44 15.97 -3.14
C GLY B 124 18.72 16.42 -2.46
N SER B 125 19.09 17.67 -2.65
CA SER B 125 20.36 18.18 -2.14
C SER B 125 20.20 19.30 -1.10
N ASP B 126 19.05 19.33 -0.45
CA ASP B 126 18.78 20.35 0.57
C ASP B 126 19.68 20.22 1.80
N HIS B 127 20.38 19.10 1.93
CA HIS B 127 21.34 18.96 3.05
C HIS B 127 22.60 19.76 2.79
N VAL B 128 22.71 20.33 1.59
CA VAL B 128 23.77 21.27 1.28
C VAL B 128 23.20 22.68 1.34
N ASP B 129 23.91 23.58 2.01
CA ASP B 129 23.53 25.00 1.99
C ASP B 129 23.86 25.52 0.60
N LEU B 130 22.83 25.65 -0.25
CA LEU B 130 23.06 26.01 -1.65
C LEU B 130 23.58 27.45 -1.84
N ASN B 131 23.17 28.36 -0.95
CA ASN B 131 23.71 29.71 -0.97
C ASN B 131 25.20 29.73 -0.69
N ALA B 132 25.64 28.92 0.28
CA ALA B 132 27.04 28.85 0.62
C ALA B 132 27.82 28.12 -0.48
N ALA B 133 27.18 27.13 -1.10
CA ALA B 133 27.80 26.44 -2.22
C ALA B 133 27.99 27.37 -3.40
N ILE B 134 26.99 28.19 -3.67
CA ILE B 134 27.06 29.20 -4.72
C ILE B 134 28.20 30.19 -4.46
N LYS B 135 28.30 30.68 -3.23
CA LYS B 135 29.40 31.57 -2.81
C LYS B 135 30.79 30.98 -3.00
N ALA B 136 30.93 29.68 -2.79
CA ALA B 136 32.25 29.06 -2.79
C ALA B 136 32.62 28.46 -4.14
N GLY B 137 31.69 28.53 -5.09
CA GLY B 137 31.92 28.02 -6.42
C GLY B 137 31.97 26.51 -6.47
N ILE B 138 31.23 25.86 -5.57
CA ILE B 138 31.14 24.41 -5.51
C ILE B 138 30.04 23.94 -6.46
N THR B 139 30.33 22.90 -7.24
CA THR B 139 29.30 22.26 -8.06
C THR B 139 28.48 21.31 -7.19
N VAL B 140 27.15 21.42 -7.28
CA VAL B 140 26.26 20.51 -6.55
C VAL B 140 25.47 19.69 -7.55
N ALA B 141 25.55 18.37 -7.44
CA ALA B 141 24.86 17.48 -8.38
C ALA B 141 24.21 16.31 -7.66
N GLU B 142 23.19 15.72 -8.31
CA GLU B 142 22.47 14.55 -7.80
C GLU B 142 21.98 13.72 -8.98
N GLU B 143 21.61 12.47 -8.75
CA GLU B 143 21.20 11.62 -9.87
C GLU B 143 19.70 11.71 -10.07
N THR B 144 19.31 12.77 -10.77
CA THR B 144 17.91 13.04 -11.09
C THR B 144 17.16 11.81 -11.63
N PHE B 145 15.98 11.57 -11.05
CA PHE B 145 15.12 10.41 -11.36
C PHE B 145 15.61 9.04 -10.87
N SER B 146 16.85 8.95 -10.35
CA SER B 146 17.44 7.64 -10.03
C SER B 146 16.57 6.82 -9.09
N ASN B 147 15.97 7.46 -8.10
CA ASN B 147 15.11 6.71 -7.20
C ASN B 147 13.72 7.31 -7.05
N GLY B 148 13.28 8.05 -8.06
CA GLY B 148 11.99 8.72 -8.04
C GLY B 148 10.82 7.75 -8.05
N ILE B 149 10.90 6.69 -8.84
CA ILE B 149 9.81 5.72 -8.86
C ILE B 149 9.72 5.02 -7.50
N CYS B 150 10.88 4.78 -6.86
CA CYS B 150 10.89 4.14 -5.54
C CYS B 150 10.04 4.95 -4.56
N VAL B 151 10.26 6.26 -4.58
CA VAL B 151 9.53 7.17 -3.70
C VAL B 151 8.04 7.17 -4.03
N ALA B 152 7.71 7.20 -5.32
CA ALA B 152 6.30 7.20 -5.72
C ALA B 152 5.58 5.96 -5.21
N GLU B 153 6.23 4.80 -5.33
CA GLU B 153 5.63 3.57 -4.82
C GLU B 153 5.43 3.64 -3.32
N HIS B 154 6.45 4.11 -2.63
CA HIS B 154 6.41 4.24 -1.17
C HIS B 154 5.25 5.16 -0.74
N ALA B 155 5.08 6.27 -1.46
CA ALA B 155 4.03 7.25 -1.16
C ALA B 155 2.63 6.66 -1.33
N VAL B 156 2.40 5.98 -2.44
CA VAL B 156 1.08 5.37 -2.68
C VAL B 156 0.81 4.26 -1.65
N MET B 157 1.84 3.48 -1.33
CA MET B 157 1.72 2.44 -0.32
C MET B 157 1.27 3.05 1.01
N MET B 158 1.87 4.18 1.34
CA MET B 158 1.56 4.83 2.62
C MET B 158 0.16 5.42 2.62
N ILE B 159 -0.24 6.01 1.50
CA ILE B 159 -1.62 6.49 1.38
C ILE B 159 -2.62 5.38 1.69
N LEU B 160 -2.46 4.23 1.06
CA LEU B 160 -3.36 3.10 1.27
C LEU B 160 -3.31 2.61 2.72
N ALA B 161 -2.11 2.43 3.25
CA ALA B 161 -1.94 1.98 4.63
C ALA B 161 -2.66 2.88 5.63
N LEU B 162 -2.58 4.18 5.42
CA LEU B 162 -3.25 5.13 6.32
C LEU B 162 -4.76 5.06 6.22
N VAL B 163 -5.26 5.17 5.01
CA VAL B 163 -6.70 5.23 4.80
CA VAL B 163 -6.71 5.24 4.85
C VAL B 163 -7.36 3.91 5.25
N ARG B 164 -6.69 2.81 5.00
CA ARG B 164 -7.24 1.48 5.27
C ARG B 164 -6.99 0.97 6.70
N ASN B 165 -6.13 1.66 7.45
CA ASN B 165 -5.80 1.29 8.83
C ASN B 165 -5.00 -0.01 8.92
N TYR B 166 -4.03 -0.15 8.03
CA TYR B 166 -3.26 -1.39 7.88
C TYR B 166 -2.40 -1.68 9.11
N LEU B 167 -1.65 -0.68 9.55
CA LEU B 167 -0.60 -0.93 10.54
C LEU B 167 -1.10 -1.42 11.92
N PRO B 168 -2.12 -0.75 12.48
CA PRO B 168 -2.63 -1.25 13.76
C PRO B 168 -3.29 -2.61 13.59
N SER B 169 -3.83 -2.88 12.41
CA SER B 169 -4.51 -4.14 12.16
C SER B 169 -3.51 -5.30 12.03
N HIS B 170 -2.35 -5.02 11.44
CA HIS B 170 -1.28 -6.02 11.38
C HIS B 170 -0.80 -6.37 12.80
N LYS B 171 -0.74 -5.37 13.67
CA LYS B 171 -0.27 -5.57 15.05
C LYS B 171 -1.24 -6.50 15.77
N ILE B 172 -2.54 -6.28 15.56
CA ILE B 172 -3.55 -7.17 16.11
C ILE B 172 -3.37 -8.63 15.65
N ALA B 173 -3.08 -8.82 14.37
CA ALA B 173 -2.87 -10.17 13.85
C ALA B 173 -1.64 -10.82 14.51
N GLU B 174 -0.55 -10.05 14.64
CA GLU B 174 0.68 -10.53 15.28
C GLU B 174 0.49 -10.88 16.75
N GLU B 175 -0.37 -10.12 17.43
CA GLU B 175 -0.61 -10.28 18.86
C GLU B 175 -1.63 -11.35 19.22
N GLY B 176 -2.23 -12.00 18.23
CA GLY B 176 -3.16 -13.09 18.51
C GLY B 176 -4.63 -12.71 18.55
N GLY B 177 -4.95 -11.49 18.14
CA GLY B 177 -6.32 -10.99 18.13
C GLY B 177 -7.05 -11.20 16.81
N TRP B 178 -8.29 -10.72 16.74
CA TRP B 178 -9.11 -10.75 15.53
C TRP B 178 -9.77 -9.38 15.46
N ASN B 179 -10.75 -9.15 16.34
CA ASN B 179 -11.20 -7.80 16.65
C ASN B 179 -11.53 -6.98 15.42
N ILE B 180 -12.42 -7.49 14.58
CA ILE B 180 -12.69 -6.81 13.33
C ILE B 180 -13.18 -5.37 13.53
N ALA B 181 -14.05 -5.16 14.52
CA ALA B 181 -14.56 -3.82 14.78
C ALA B 181 -13.45 -2.82 15.11
N ASP B 182 -12.50 -3.26 15.92
CA ASP B 182 -11.35 -2.44 16.25
C ASP B 182 -10.52 -2.12 15.00
N CYS B 183 -10.36 -3.10 14.12
CA CYS B 183 -9.62 -2.89 12.87
C CYS B 183 -10.32 -1.90 11.93
N VAL B 184 -11.65 -2.02 11.81
CA VAL B 184 -12.33 -1.28 10.76
C VAL B 184 -13.02 -0.01 11.25
N SER B 185 -12.96 0.24 12.56
CA SER B 185 -13.55 1.47 13.10
C SER B 185 -12.93 2.73 12.50
N ARG B 186 -11.71 2.61 11.97
CA ARG B 186 -11.07 3.72 11.27
C ARG B 186 -10.62 3.30 9.87
N SER B 187 -11.28 2.32 9.27
CA SER B 187 -10.84 1.84 7.95
C SER B 187 -11.76 2.32 6.83
N TYR B 188 -11.18 2.97 5.83
CA TYR B 188 -11.94 3.47 4.68
C TYR B 188 -11.30 3.01 3.37
N ASP B 189 -12.09 3.01 2.30
CA ASP B 189 -11.54 2.85 0.96
C ASP B 189 -10.99 4.17 0.45
N LEU B 190 -9.96 4.09 -0.40
CA LEU B 190 -9.45 5.28 -1.05
C LEU B 190 -10.40 5.69 -2.18
N GLU B 191 -11.07 4.72 -2.79
CA GLU B 191 -11.97 4.96 -3.94
C GLU B 191 -12.87 6.18 -3.74
N GLY B 192 -12.83 7.10 -4.70
CA GLY B 192 -13.76 8.23 -4.67
C GLY B 192 -13.32 9.42 -3.83
N MET B 193 -12.24 9.27 -3.06
CA MET B 193 -11.69 10.39 -2.31
CA MET B 193 -11.73 10.40 -2.31
C MET B 193 -11.04 11.42 -3.22
N HIS B 194 -10.90 12.64 -2.72
CA HIS B 194 -10.15 13.67 -3.42
C HIS B 194 -8.70 13.58 -2.96
N VAL B 195 -7.78 13.36 -3.90
CA VAL B 195 -6.36 13.22 -3.57
C VAL B 195 -5.54 14.26 -4.34
N GLY B 196 -4.72 15.02 -3.63
CA GLY B 196 -3.88 16.01 -4.28
C GLY B 196 -2.41 15.81 -4.04
N THR B 197 -1.58 16.18 -5.01
CA THR B 197 -0.13 16.22 -4.79
C THR B 197 0.39 17.65 -4.75
N VAL B 198 1.37 17.90 -3.88
CA VAL B 198 2.09 19.15 -3.92
C VAL B 198 3.22 18.94 -4.92
N ALA B 199 3.13 19.64 -6.05
CA ALA B 199 3.97 19.45 -7.26
C ALA B 199 3.52 18.28 -8.13
N ALA B 200 3.80 18.39 -9.43
CA ALA B 200 3.61 17.28 -10.34
C ALA B 200 4.88 17.13 -11.14
N GLY B 201 6.01 17.10 -10.43
CA GLY B 201 7.31 16.88 -11.05
C GLY B 201 7.52 15.41 -11.32
N ARG B 202 8.76 14.97 -11.37
CA ARG B 202 9.05 13.58 -11.70
C ARG B 202 8.34 12.60 -10.75
N ILE B 203 8.50 12.80 -9.44
CA ILE B 203 7.85 11.93 -8.47
C ILE B 203 6.35 12.19 -8.39
N GLY B 204 5.96 13.46 -8.34
CA GLY B 204 4.54 13.81 -8.24
C GLY B 204 3.69 13.26 -9.37
N LEU B 205 4.18 13.39 -10.60
CA LEU B 205 3.49 12.80 -11.74
C LEU B 205 3.43 11.27 -11.65
N ALA B 206 4.51 10.64 -11.19
CA ALA B 206 4.52 9.19 -11.02
C ALA B 206 3.44 8.75 -10.03
N VAL B 207 3.28 9.55 -8.97
CA VAL B 207 2.27 9.28 -7.96
C VAL B 207 0.85 9.46 -8.54
N LEU B 208 0.64 10.57 -9.24
CA LEU B 208 -0.67 10.81 -9.87
C LEU B 208 -1.07 9.69 -10.85
N ARG B 209 -0.10 9.19 -11.61
CA ARG B 209 -0.37 8.10 -12.55
C ARG B 209 -0.74 6.80 -11.83
N ARG B 210 -0.06 6.52 -10.73
CA ARG B 210 -0.37 5.33 -9.95
C ARG B 210 -1.72 5.45 -9.22
N LEU B 211 -2.10 6.67 -8.84
CA LEU B 211 -3.38 6.91 -8.15
C LEU B 211 -4.59 6.83 -9.08
N LYS B 212 -4.40 7.20 -10.34
CA LYS B 212 -5.52 7.25 -11.30
C LYS B 212 -6.50 6.04 -11.32
N PRO B 213 -5.98 4.80 -11.48
CA PRO B 213 -6.89 3.65 -11.55
C PRO B 213 -7.59 3.30 -10.22
N PHE B 214 -7.26 4.01 -9.14
CA PHE B 214 -7.97 3.84 -7.87
C PHE B 214 -9.29 4.62 -7.88
N ASP B 215 -9.55 5.34 -8.97
CA ASP B 215 -10.80 6.08 -9.17
C ASP B 215 -10.99 7.14 -8.07
N VAL B 216 -9.93 7.90 -7.86
CA VAL B 216 -9.97 9.05 -6.98
C VAL B 216 -10.13 10.29 -7.85
N LYS B 217 -10.49 11.43 -7.26
CA LYS B 217 -10.56 12.69 -7.99
C LYS B 217 -9.22 13.37 -7.77
N LEU B 218 -8.48 13.65 -8.84
CA LEU B 218 -7.10 14.11 -8.71
C LEU B 218 -6.91 15.63 -8.75
N HIS B 219 -6.11 16.12 -7.83
CA HIS B 219 -5.79 17.54 -7.72
C HIS B 219 -4.28 17.72 -7.63
N TYR B 220 -3.80 18.91 -7.94
CA TYR B 220 -2.41 19.23 -7.69
C TYR B 220 -2.21 20.72 -7.53
N THR B 221 -1.10 21.08 -6.91
CA THR B 221 -0.72 22.47 -6.86
C THR B 221 0.73 22.56 -7.32
N ALA B 222 1.02 23.66 -8.01
CA ALA B 222 2.36 23.95 -8.49
C ALA B 222 2.44 25.45 -8.75
N ARG B 223 3.65 25.95 -8.99
CA ARG B 223 3.82 27.36 -9.30
C ARG B 223 3.15 27.67 -10.65
N HIS B 224 3.30 26.74 -11.60
CA HIS B 224 2.59 26.87 -12.86
C HIS B 224 1.93 25.54 -13.22
N ARG B 225 0.92 25.61 -14.09
CA ARG B 225 0.24 24.40 -14.57
CA ARG B 225 0.22 24.43 -14.55
C ARG B 225 1.15 23.48 -15.34
N SER B 226 0.85 22.18 -15.26
CA SER B 226 1.51 21.15 -16.07
C SER B 226 0.89 21.21 -17.48
N PRO B 227 1.50 20.51 -18.46
CA PRO B 227 0.95 20.58 -19.82
C PRO B 227 -0.48 20.06 -19.90
N ARG B 228 -1.23 20.57 -20.88
CA ARG B 228 -2.61 20.17 -21.11
CA ARG B 228 -2.62 20.16 -21.08
C ARG B 228 -2.72 18.65 -21.27
N ALA B 229 -1.76 18.07 -21.97
CA ALA B 229 -1.77 16.62 -22.21
C ALA B 229 -1.80 15.85 -20.88
N ILE B 230 -0.98 16.31 -19.93
CA ILE B 230 -0.92 15.71 -18.60
C ILE B 230 -2.24 15.88 -17.85
N GLU B 231 -2.74 17.10 -17.78
CA GLU B 231 -4.01 17.37 -17.10
C GLU B 231 -5.15 16.54 -17.70
N ASP B 232 -5.17 16.42 -19.03
CA ASP B 232 -6.20 15.63 -19.72
C ASP B 232 -6.07 14.12 -19.45
N GLU B 233 -4.84 13.62 -19.54
CA GLU B 233 -4.56 12.20 -19.26
C GLU B 233 -5.14 11.77 -17.91
N LEU B 234 -4.90 12.60 -16.89
CA LEU B 234 -5.18 12.20 -15.50
C LEU B 234 -6.45 12.81 -14.91
N GLY B 235 -7.09 13.71 -15.64
CA GLY B 235 -8.26 14.40 -15.14
C GLY B 235 -7.91 15.27 -13.94
N LEU B 236 -6.85 16.05 -14.08
CA LEU B 236 -6.33 16.84 -12.98
C LEU B 236 -7.07 18.16 -12.76
N THR B 237 -7.25 18.52 -11.50
CA THR B 237 -7.71 19.85 -11.14
C THR B 237 -6.57 20.62 -10.49
N TYR B 238 -6.19 21.74 -11.09
CA TYR B 238 -5.09 22.54 -10.59
C TYR B 238 -5.54 23.58 -9.59
N HIS B 239 -4.69 23.83 -8.58
CA HIS B 239 -4.92 24.91 -7.61
C HIS B 239 -3.68 25.77 -7.52
N ALA B 240 -3.88 27.08 -7.39
CA ALA B 240 -2.75 28.02 -7.36
C ALA B 240 -1.94 27.91 -6.06
N THR B 241 -2.60 27.52 -4.98
CA THR B 241 -1.95 27.41 -3.67
C THR B 241 -2.27 26.11 -2.95
N ALA B 242 -1.38 25.70 -2.04
CA ALA B 242 -1.63 24.57 -1.15
C ALA B 242 -2.88 24.77 -0.31
N GLU B 243 -3.08 25.98 0.21
CA GLU B 243 -4.28 26.30 0.99
C GLU B 243 -5.57 25.99 0.24
N GLU B 244 -5.62 26.41 -1.01
CA GLU B 244 -6.79 26.14 -1.85
C GLU B 244 -6.98 24.63 -2.04
N MET B 245 -5.90 23.91 -2.33
CA MET B 245 -5.99 22.46 -2.52
C MET B 245 -6.40 21.75 -1.23
N ALA B 246 -5.87 22.22 -0.11
CA ALA B 246 -6.22 21.64 1.20
C ALA B 246 -7.72 21.65 1.46
N GLU B 247 -8.39 22.69 0.99
CA GLU B 247 -9.82 22.85 1.27
C GLU B 247 -10.67 21.76 0.63
N VAL B 248 -10.19 21.19 -0.46
CA VAL B 248 -10.97 20.23 -1.23
C VAL B 248 -10.45 18.77 -1.23
N CYS B 249 -9.30 18.52 -0.62
CA CYS B 249 -8.72 17.15 -0.65
C CYS B 249 -8.90 16.38 0.65
N ASP B 250 -9.15 15.07 0.51
CA ASP B 250 -9.16 14.17 1.65
C ASP B 250 -7.76 13.69 2.00
N VAL B 251 -6.91 13.59 0.97
CA VAL B 251 -5.54 13.10 1.09
C VAL B 251 -4.62 14.03 0.30
N ILE B 252 -3.51 14.42 0.90
CA ILE B 252 -2.47 15.15 0.16
C ILE B 252 -1.16 14.41 0.30
N SER B 253 -0.40 14.33 -0.80
CA SER B 253 0.96 13.79 -0.80
C SER B 253 1.94 14.85 -1.31
N ILE B 254 2.98 15.12 -0.52
CA ILE B 254 3.93 16.19 -0.83
C ILE B 254 5.08 15.71 -1.72
N HIS B 255 5.36 16.43 -2.81
CA HIS B 255 6.44 16.04 -3.72
C HIS B 255 7.26 17.20 -4.28
N ALA B 256 7.39 18.25 -3.48
CA ALA B 256 8.14 19.42 -3.88
C ALA B 256 9.51 19.40 -3.22
N PRO B 257 10.48 20.16 -3.77
CA PRO B 257 11.78 20.21 -3.10
C PRO B 257 11.73 21.13 -1.89
N LEU B 258 12.70 20.96 -1.01
CA LEU B 258 12.84 21.81 0.17
C LEU B 258 13.79 22.97 -0.13
N TYR B 259 13.26 24.17 -0.08
CA TYR B 259 14.06 25.40 -0.14
C TYR B 259 13.20 26.45 0.58
N PRO B 260 13.70 27.69 0.77
CA PRO B 260 12.95 28.66 1.58
C PRO B 260 11.44 28.84 1.29
N ALA B 261 11.02 28.85 0.04
CA ALA B 261 9.59 29.02 -0.27
C ALA B 261 8.70 27.86 0.21
N THR B 262 9.26 26.67 0.35
CA THR B 262 8.43 25.52 0.74
C THR B 262 8.62 25.12 2.20
N GLU B 263 9.54 25.78 2.89
CA GLU B 263 9.81 25.44 4.29
C GLU B 263 8.61 25.80 5.17
N HIS B 264 8.14 24.83 5.94
CA HIS B 264 6.96 24.99 6.81
C HIS B 264 5.71 25.42 6.07
N LEU B 265 5.63 25.03 4.80
CA LEU B 265 4.44 25.27 4.01
C LEU B 265 3.23 24.61 4.66
N PHE B 266 3.40 23.37 5.08
CA PHE B 266 2.33 22.66 5.78
C PHE B 266 2.42 22.89 7.27
N ASN B 267 1.94 24.08 7.66
CA ASN B 267 1.82 24.43 9.06
C ASN B 267 0.35 24.49 9.42
N ALA B 268 0.05 25.01 10.61
CA ALA B 268 -1.34 24.97 11.08
C ALA B 268 -2.30 25.65 10.10
N LYS B 269 -1.86 26.74 9.49
CA LYS B 269 -2.70 27.50 8.56
C LYS B 269 -3.23 26.61 7.42
N VAL B 270 -2.33 25.82 6.83
CA VAL B 270 -2.71 24.91 5.76
C VAL B 270 -3.48 23.70 6.29
N LEU B 271 -2.94 23.10 7.35
CA LEU B 271 -3.56 21.91 7.95
C LEU B 271 -5.01 22.18 8.36
N ASN B 272 -5.26 23.33 8.96
CA ASN B 272 -6.62 23.67 9.40
C ASN B 272 -7.61 23.94 8.26
N LYS B 273 -7.09 24.12 7.04
CA LYS B 273 -7.97 24.26 5.89
C LYS B 273 -8.51 22.91 5.46
N MET B 274 -7.82 21.83 5.85
CA MET B 274 -8.28 20.50 5.49
C MET B 274 -9.50 20.16 6.32
N ARG B 275 -10.34 19.31 5.76
CA ARG B 275 -11.47 18.80 6.53
C ARG B 275 -10.98 17.91 7.65
N HIS B 276 -11.62 17.99 8.81
CA HIS B 276 -11.32 17.12 9.93
C HIS B 276 -11.30 15.64 9.49
N GLY B 277 -10.20 14.94 9.78
CA GLY B 277 -10.09 13.54 9.42
C GLY B 277 -9.38 13.30 8.10
N SER B 278 -8.66 14.31 7.62
CA SER B 278 -7.92 14.18 6.37
C SER B 278 -6.58 13.49 6.59
N TYR B 279 -5.89 13.15 5.50
CA TYR B 279 -4.64 12.40 5.56
C TYR B 279 -3.53 13.14 4.85
N LEU B 280 -2.31 13.03 5.37
CA LEU B 280 -1.17 13.69 4.74
C LEU B 280 0.00 12.71 4.65
N VAL B 281 0.60 12.63 3.45
CA VAL B 281 1.78 11.78 3.23
C VAL B 281 2.93 12.68 2.77
N ASN B 282 4.11 12.47 3.34
CA ASN B 282 5.25 13.31 3.00
C ASN B 282 6.51 12.48 2.84
N THR B 283 6.81 12.17 1.59
CA THR B 283 8.04 11.47 1.22
C THR B 283 8.94 12.44 0.46
N ALA B 284 8.75 13.74 0.70
CA ALA B 284 9.57 14.77 0.07
C ALA B 284 10.70 15.19 1.00
N ARG B 285 10.42 16.14 1.89
CA ARG B 285 11.36 16.55 2.94
C ARG B 285 10.57 16.95 4.19
N ALA B 286 11.07 16.56 5.36
CA ALA B 286 10.32 16.79 6.60
C ALA B 286 10.00 18.25 6.85
N GLU B 287 10.95 19.12 6.54
CA GLU B 287 10.81 20.53 6.88
C GLU B 287 9.85 21.31 5.97
N ILE B 288 9.26 20.62 4.97
CA ILE B 288 8.15 21.22 4.25
C ILE B 288 6.95 21.30 5.20
N CYS B 289 6.96 20.43 6.21
CA CYS B 289 5.96 20.49 7.28
C CYS B 289 6.52 21.19 8.51
N ASP B 290 5.64 21.76 9.32
CA ASP B 290 6.03 22.21 10.65
C ASP B 290 5.92 21.00 11.56
N ARG B 291 7.04 20.57 12.13
CA ARG B 291 7.08 19.29 12.86
C ARG B 291 6.00 19.16 13.93
N ASP B 292 5.93 20.15 14.82
CA ASP B 292 4.97 20.07 15.92
C ASP B 292 3.51 20.30 15.53
N ASP B 293 3.28 21.08 14.47
CA ASP B 293 1.92 21.26 13.96
C ASP B 293 1.37 19.93 13.47
N ILE B 294 2.24 19.07 12.93
CA ILE B 294 1.79 17.76 12.47
C ILE B 294 1.37 16.89 13.67
N VAL B 295 2.19 16.88 14.71
CA VAL B 295 1.89 16.13 15.92
C VAL B 295 0.53 16.56 16.49
N ARG B 296 0.31 17.87 16.58
CA ARG B 296 -0.90 18.40 17.21
C ARG B 296 -2.14 18.12 16.36
N ALA B 297 -1.97 18.17 15.04
CA ALA B 297 -3.06 17.84 14.13
C ALA B 297 -3.53 16.38 14.34
N LEU B 298 -2.58 15.48 14.56
CA LEU B 298 -2.94 14.08 14.79
C LEU B 298 -3.57 13.89 16.15
N GLU B 299 -3.05 14.60 17.15
CA GLU B 299 -3.59 14.50 18.49
C GLU B 299 -5.04 14.98 18.56
N SER B 300 -5.37 16.02 17.80
CA SER B 300 -6.72 16.59 17.78
C SER B 300 -7.67 15.91 16.81
N GLY B 301 -7.12 15.11 15.91
CA GLY B 301 -7.94 14.43 14.90
C GLY B 301 -8.15 15.28 13.66
N GLN B 302 -7.54 16.46 13.62
CA GLN B 302 -7.60 17.29 12.42
C GLN B 302 -7.05 16.51 11.22
N LEU B 303 -5.91 15.86 11.42
CA LEU B 303 -5.49 14.78 10.53
C LEU B 303 -5.90 13.45 11.14
N ALA B 304 -6.49 12.57 10.32
CA ALA B 304 -6.74 11.19 10.72
C ALA B 304 -5.47 10.34 10.61
N GLY B 305 -4.50 10.79 9.82
CA GLY B 305 -3.28 10.03 9.68
C GLY B 305 -2.18 10.79 8.96
N TYR B 306 -0.94 10.47 9.30
CA TYR B 306 0.23 11.03 8.63
C TYR B 306 1.25 9.91 8.45
N ALA B 307 1.92 9.90 7.29
CA ALA B 307 3.00 8.96 7.08
C ALA B 307 4.03 9.56 6.13
N GLY B 308 5.27 9.12 6.28
CA GLY B 308 6.32 9.59 5.41
C GLY B 308 7.58 8.84 5.82
N ASP B 309 8.64 9.01 5.05
CA ASP B 309 9.90 8.37 5.38
C ASP B 309 10.97 9.41 5.66
N VAL B 310 10.62 10.69 5.54
CA VAL B 310 11.57 11.77 5.75
C VAL B 310 11.39 12.47 7.10
N TRP B 311 12.51 12.87 7.71
CA TRP B 311 12.52 13.39 9.07
C TRP B 311 13.49 14.56 9.16
N PHE B 312 13.40 15.33 10.24
CA PHE B 312 14.45 16.31 10.50
C PHE B 312 14.80 16.36 11.98
N PRO B 313 16.10 16.30 12.30
CA PRO B 313 17.21 16.03 11.37
C PRO B 313 17.29 14.54 11.01
N GLN B 314 18.22 14.18 10.13
CA GLN B 314 18.45 12.76 9.84
C GLN B 314 19.89 12.36 10.18
N PRO B 315 20.05 11.30 11.00
CA PRO B 315 18.96 10.43 11.50
C PRO B 315 18.10 11.10 12.57
N ALA B 316 16.84 10.72 12.62
CA ALA B 316 15.94 11.24 13.65
C ALA B 316 16.41 10.72 15.00
N PRO B 317 16.49 11.61 16.01
CA PRO B 317 16.81 11.16 17.36
C PRO B 317 15.80 10.14 17.85
N ALA B 318 16.21 9.30 18.80
CA ALA B 318 15.32 8.26 19.31
C ALA B 318 14.04 8.81 19.93
N ASN B 319 14.08 10.07 20.36
CA ASN B 319 12.92 10.70 21.01
C ASN B 319 12.13 11.64 20.10
N HIS B 320 12.41 11.57 18.80
CA HIS B 320 11.76 12.43 17.83
C HIS B 320 10.26 12.20 17.93
N PRO B 321 9.47 13.29 18.04
CA PRO B 321 8.02 13.15 18.27
C PRO B 321 7.21 12.47 17.15
N TRP B 322 7.74 12.38 15.93
CA TRP B 322 7.00 11.71 14.85
C TRP B 322 6.98 10.19 15.00
N ARG B 323 7.84 9.65 15.85
CA ARG B 323 7.91 8.20 16.02
C ARG B 323 6.67 7.62 16.66
N ASN B 324 6.15 8.28 17.68
CA ASN B 324 5.07 7.68 18.47
C ASN B 324 3.82 8.55 18.56
N MET B 325 3.76 9.61 17.76
CA MET B 325 2.54 10.39 17.64
C MET B 325 1.42 9.49 17.14
N PRO B 326 0.16 9.85 17.41
CA PRO B 326 -0.96 8.96 17.08
C PRO B 326 -1.11 8.78 15.58
N HIS B 327 -1.55 7.59 15.18
CA HIS B 327 -2.04 7.36 13.83
C HIS B 327 -0.99 7.71 12.78
N ASN B 328 0.23 7.23 12.98
CA ASN B 328 1.28 7.47 12.00
C ASN B 328 1.69 6.19 11.26
N GLY B 329 2.25 6.39 10.06
CA GLY B 329 2.75 5.28 9.27
C GLY B 329 4.21 5.46 8.90
N MET B 330 5.01 6.01 9.81
CA MET B 330 6.40 6.36 9.49
C MET B 330 7.29 5.15 9.18
N THR B 331 8.30 5.38 8.35
CA THR B 331 9.48 4.51 8.30
C THR B 331 10.69 5.42 8.42
N PRO B 332 11.88 4.85 8.73
CA PRO B 332 13.10 5.65 8.55
C PRO B 332 13.24 6.04 7.07
N HIS B 333 14.17 6.93 6.74
CA HIS B 333 14.33 7.36 5.34
C HIS B 333 14.93 6.26 4.45
N MET B 334 14.04 5.52 3.79
CA MET B 334 14.42 4.28 3.12
C MET B 334 13.93 4.15 1.69
N SER B 335 12.95 4.95 1.27
CA SER B 335 12.27 4.67 -0.01
C SER B 335 13.26 4.69 -1.17
N GLY B 336 14.00 5.78 -1.28
CA GLY B 336 14.97 5.92 -2.35
C GLY B 336 16.16 4.98 -2.25
N SER B 337 16.29 4.27 -1.13
CA SER B 337 17.41 3.35 -0.95
C SER B 337 16.98 1.88 -1.02
N SER B 338 15.87 1.62 -1.70
CA SER B 338 15.53 0.24 -2.06
C SER B 338 16.72 -0.30 -2.87
N LEU B 339 16.92 -1.61 -2.88
CA LEU B 339 18.08 -2.17 -3.58
C LEU B 339 17.99 -1.82 -5.07
N SER B 340 16.76 -1.73 -5.57
CA SER B 340 16.50 -1.34 -6.94
C SER B 340 16.96 0.09 -7.22
N GLY B 341 16.59 1.01 -6.33
CA GLY B 341 17.03 2.40 -6.46
C GLY B 341 18.53 2.54 -6.32
N GLN B 342 19.11 1.79 -5.38
CA GLN B 342 20.54 1.89 -5.11
C GLN B 342 21.35 1.59 -6.36
N ALA B 343 20.90 0.61 -7.13
CA ALA B 343 21.61 0.23 -8.35
C ALA B 343 21.68 1.40 -9.31
N ARG B 344 20.59 2.14 -9.40
CA ARG B 344 20.56 3.29 -10.29
C ARG B 344 21.40 4.46 -9.76
N TYR B 345 21.21 4.87 -8.51
CA TYR B 345 21.96 6.04 -8.07
C TYR B 345 23.46 5.77 -7.88
N ALA B 346 23.81 4.53 -7.57
CA ALA B 346 25.23 4.16 -7.50
C ALA B 346 25.84 4.21 -8.91
N ALA B 347 25.11 3.73 -9.90
CA ALA B 347 25.57 3.82 -11.29
C ALA B 347 25.72 5.28 -11.72
N GLY B 348 24.78 6.12 -11.29
CA GLY B 348 24.81 7.53 -11.65
C GLY B 348 25.90 8.30 -10.94
N THR B 349 26.19 7.89 -9.70
CA THR B 349 27.26 8.53 -8.94
C THR B 349 28.57 8.29 -9.68
N ARG B 350 28.77 7.06 -10.12
CA ARG B 350 29.97 6.73 -10.90
C ARG B 350 30.01 7.47 -12.24
N GLU B 351 28.87 7.56 -12.91
CA GLU B 351 28.79 8.30 -14.18
C GLU B 351 29.25 9.75 -13.99
N ILE B 352 28.78 10.37 -12.91
CA ILE B 352 29.10 11.77 -12.66
C ILE B 352 30.59 11.93 -12.35
N LEU B 353 31.13 10.98 -11.59
CA LEU B 353 32.56 10.98 -11.29
C LEU B 353 33.39 10.80 -12.56
N GLU B 354 32.96 9.90 -13.43
CA GLU B 354 33.65 9.74 -14.72
C GLU B 354 33.68 11.04 -15.51
N CYS B 355 32.54 11.70 -15.67
CA CYS B 355 32.53 13.00 -16.35
C CYS B 355 33.46 13.99 -15.67
N TRP B 356 33.35 14.09 -14.34
CA TRP B 356 34.12 15.06 -13.58
C TRP B 356 35.63 14.86 -13.78
N PHE B 357 36.10 13.65 -13.59
CA PHE B 357 37.53 13.36 -13.72
C PHE B 357 38.03 13.50 -15.17
N GLU B 358 37.15 13.27 -16.13
CA GLU B 358 37.53 13.28 -17.53
C GLU B 358 37.34 14.66 -18.15
N ASN B 359 36.98 15.64 -17.32
CA ASN B 359 36.71 17.00 -17.76
C ASN B 359 35.62 17.07 -18.83
N ARG B 360 34.54 16.33 -18.61
CA ARG B 360 33.38 16.36 -19.50
C ARG B 360 32.20 16.89 -18.68
N PRO B 361 31.19 17.46 -19.35
CA PRO B 361 30.08 18.03 -18.57
C PRO B 361 29.34 16.96 -17.76
N ILE B 362 28.94 17.30 -16.54
CA ILE B 362 27.95 16.53 -15.81
C ILE B 362 26.59 16.80 -16.49
N ARG B 363 25.77 15.77 -16.68
CA ARG B 363 24.46 15.96 -17.33
C ARG B 363 23.73 17.16 -16.74
N ASP B 364 23.23 18.02 -17.62
CA ASP B 364 22.47 19.19 -17.19
C ASP B 364 21.35 18.84 -16.20
N GLU B 365 20.64 17.74 -16.46
CA GLU B 365 19.55 17.36 -15.57
C GLU B 365 20.02 16.93 -14.17
N TYR B 366 21.29 16.56 -14.03
CA TYR B 366 21.87 16.23 -12.73
C TYR B 366 22.31 17.45 -11.93
N LEU B 367 22.46 18.60 -12.60
CA LEU B 367 23.03 19.77 -11.91
C LEU B 367 22.03 20.45 -11.03
N ILE B 368 22.49 20.89 -9.87
CA ILE B 368 21.71 21.72 -8.97
C ILE B 368 22.34 23.11 -8.89
N VAL B 369 23.65 23.13 -8.62
CA VAL B 369 24.43 24.36 -8.61
C VAL B 369 25.68 24.16 -9.45
N SER B 370 25.99 25.13 -10.30
CA SER B 370 27.21 25.07 -11.09
C SER B 370 27.62 26.48 -11.52
N ASN B 371 28.91 26.76 -11.54
CA ASN B 371 29.41 28.07 -11.98
C ASN B 371 28.79 29.23 -11.17
N GLY B 372 28.67 29.05 -9.87
CA GLY B 372 28.16 30.10 -8.99
C GLY B 372 26.68 30.48 -9.11
N LYS B 373 25.83 29.55 -9.53
CA LYS B 373 24.41 29.83 -9.58
C LYS B 373 23.59 28.53 -9.62
N LEU B 374 22.30 28.63 -9.36
CA LEU B 374 21.41 27.50 -9.60
C LEU B 374 21.52 27.17 -11.07
N ALA B 375 21.62 25.89 -11.40
CA ALA B 375 21.78 25.45 -12.79
C ALA B 375 20.97 24.19 -13.03
N GLY B 376 20.79 23.83 -14.30
CA GLY B 376 20.07 22.62 -14.66
C GLY B 376 18.75 22.45 -13.92
N THR B 377 18.59 21.29 -13.29
CA THR B 377 17.38 20.98 -12.54
C THR B 377 17.21 21.89 -11.32
N GLY B 378 18.33 22.31 -10.73
CA GLY B 378 18.27 23.27 -9.64
C GLY B 378 17.60 24.58 -10.04
N ALA B 379 17.91 25.08 -11.23
CA ALA B 379 17.31 26.32 -11.70
C ALA B 379 15.81 26.16 -11.97
N LYS B 380 15.41 24.97 -12.43
CA LYS B 380 14.01 24.72 -12.76
C LYS B 380 13.15 24.38 -11.53
N SER B 381 13.75 23.72 -10.54
CA SER B 381 12.96 23.17 -9.42
C SER B 381 13.15 23.87 -8.08
N TYR B 382 14.33 24.43 -7.84
CA TYR B 382 14.68 25.01 -6.55
C TYR B 382 14.66 26.53 -6.54
N GLY B 383 14.87 27.09 -5.35
CA GLY B 383 15.08 28.52 -5.16
C GLY B 383 16.07 28.71 -4.03
N VAL B 384 16.62 29.91 -3.89
CA VAL B 384 17.55 30.20 -2.80
C VAL B 384 17.11 31.39 -1.95
N GLY B 385 15.87 31.83 -2.14
CA GLY B 385 15.25 32.83 -1.28
C GLY B 385 15.93 34.19 -1.32
PA NAD C . -16.07 -12.93 -9.17
O1A NAD C . -17.12 -14.01 -9.25
O2A NAD C . -16.44 -11.71 -10.00
O5B NAD C . -14.71 -13.41 -9.76
C5B NAD C . -14.22 -14.69 -9.50
C4B NAD C . -13.46 -15.15 -10.65
O4B NAD C . -12.62 -16.28 -10.28
C3B NAD C . -14.34 -15.61 -11.71
O3B NAD C . -14.02 -14.89 -12.92
C2B NAD C . -14.05 -17.00 -11.89
O2B NAD C . -14.20 -17.39 -13.25
C1B NAD C . -12.67 -17.12 -11.46
N9A NAD C . -12.28 -18.45 -11.15
C8A NAD C . -13.04 -19.44 -10.64
N7A NAD C . -12.30 -20.55 -10.48
C5A NAD C . -11.02 -20.30 -10.87
C6A NAD C . -9.84 -21.05 -10.92
N6A NAD C . -9.79 -22.42 -10.52
N1A NAD C . -8.71 -20.48 -11.37
C2A NAD C . -8.67 -19.19 -11.78
N3A NAD C . -9.81 -18.43 -11.74
C4A NAD C . -10.98 -18.96 -11.30
O3 NAD C . -15.88 -12.58 -7.64
PN NAD C . -14.98 -11.46 -7.00
O1N NAD C . -15.83 -10.25 -6.67
O2N NAD C . -13.89 -11.06 -7.95
O5D NAD C . -14.37 -12.08 -5.66
C5D NAD C . -13.58 -13.26 -5.74
C4D NAD C . -13.38 -13.88 -4.42
O4D NAD C . -12.61 -12.92 -3.59
C3D NAD C . -14.64 -14.11 -3.72
O3D NAD C . -15.18 -15.38 -4.08
C2D NAD C . -14.27 -14.05 -2.34
O2D NAD C . -13.83 -15.33 -1.85
C1D NAD C . -13.14 -13.16 -2.21
N1N NAD C . -13.59 -11.99 -1.60
C2N NAD C . -13.39 -11.76 -0.26
C3N NAD C . -13.90 -10.58 0.31
C7N NAD C . -13.67 -10.34 1.76
O7N NAD C . -14.14 -11.17 2.53
N7N NAD C . -12.97 -9.18 2.26
C4N NAD C . -14.60 -9.67 -0.41
C5N NAD C . -14.78 -9.90 -1.74
C6N NAD C . -14.30 -11.08 -2.31
PA NAD D . 11.47 17.36 -9.56
O1A NAD D . 12.45 18.50 -9.71
O2A NAD D . 11.25 16.62 -10.85
O5B NAD D . 10.07 17.93 -9.13
C5B NAD D . 9.98 19.03 -8.30
C4B NAD D . 8.74 19.73 -8.62
O4B NAD D . 8.37 20.61 -7.49
C3B NAD D . 8.91 20.57 -9.80
O3B NAD D . 7.85 20.32 -10.75
C2B NAD D . 8.88 21.90 -9.28
O2B NAD D . 8.46 22.88 -10.23
C1B NAD D . 7.95 21.82 -8.18
N9A NAD D . 7.99 22.92 -7.31
C8A NAD D . 9.05 23.75 -7.06
N7A NAD D . 8.69 24.66 -6.16
C5A NAD D . 7.42 24.46 -5.79
C6A NAD D . 6.53 25.09 -4.91
N6A NAD D . 6.98 26.22 -4.17
N1A NAD D . 5.29 24.63 -4.76
C2A NAD D . 4.83 23.56 -5.46
N3A NAD D . 5.66 22.91 -6.33
C4A NAD D . 6.94 23.34 -6.51
O3 NAD D . 12.02 16.41 -8.42
PN NAD D . 11.42 15.01 -7.97
O1N NAD D . 12.26 13.91 -8.56
O2N NAD D . 9.96 14.89 -8.36
O5D NAD D . 11.62 14.98 -6.40
C5D NAD D . 11.06 16.02 -5.62
C4D NAD D . 11.53 15.91 -4.24
O4D NAD D . 11.16 14.61 -3.64
C3D NAD D . 12.99 15.96 -4.16
O3D NAD D . 13.50 17.29 -4.22
C2D NAD D . 13.28 15.36 -2.89
O2D NAD D . 13.26 16.35 -1.87
C1D NAD D . 12.24 14.39 -2.62
N1N NAD D . 12.83 13.11 -2.56
C2N NAD D . 12.48 12.18 -1.59
C3N NAD D . 13.11 10.93 -1.54
C7N NAD D . 12.77 9.84 -0.54
O7N NAD D . 13.58 8.87 -0.56
N7N NAD D . 11.59 9.88 0.31
C4N NAD D . 14.09 10.62 -2.44
C5N NAD D . 14.44 11.52 -3.38
C6N NAD D . 13.82 12.77 -3.42
#